data_6UIT
#
_entry.id   6UIT
#
_cell.length_a   167.525
_cell.length_b   167.79
_cell.length_c   102.294
_cell.angle_alpha   90.0
_cell.angle_beta   90.0
_cell.angle_gamma   90.0
#
_symmetry.space_group_name_H-M   'C 2 2 21'
#
loop_
_entity.id
_entity.type
_entity.pdbx_description
1 polymer 'p66 Reverse transcriptase/RNaseH'
2 polymer 'p51 Reverse transcriptase/RNaseH'
3 polymer 'DNA primer'
4 polymer 'DNA template'
5 non-polymer "2'-DEOXYCYTIDINE-5'-TRIPHOSPHATE"
6 non-polymer 'SULFATE ION'
7 non-polymer 'MAGNESIUM ION'
8 water water
#
loop_
_entity_poly.entity_id
_entity_poly.type
_entity_poly.pdbx_seq_one_letter_code
_entity_poly.pdbx_strand_id
1 'polypeptide(L)'
;MGSSHHHHHHSSPISPIETVPVKLKPGMDGPKVKQWPLTEEKIKALVEICTEMEKEGKISKIGPENPYNTPVFAIKKKDS
TKWRKLVDFRELNKRTQDFWEVQLGIPHPAGLKKKKSVTVLDVGDAYFSVPLDEDFRKYTAFTIPSINNETPGIRYQYNV
LPQGWKGSPAIFQSSMTKILEPFRKQNPDIVIYQYMDDLYVGSDLEIGQHRTKIEELRQHLLRWGLTTPDKKHQKEPPFL
WMGYELHPDKWTVQPIVLPEKDSWTVNDICKLVGKLNWASQIYPGIKVRQLSKLLRGTKALTEVIPLTEEAELELAENRE
ILKEPVHGVYYDPSKDLIAEIQKQGQGQWTYQIYQEPFKNLKTGKYARMRGAHTNDVKQLTEAVQKITTESIVIWGKTPK
FKLPIQKETWETWWTEYWQATWIPEWEFVNTPPLVKLWYQLEKEPIVGAETFYVDGAANRETKLGKAGYVTNRGRQKVVT
LTDTTNQKTELQAIYLALQDSGLEVNIVTDSQYALGIIQAQPDQSESELVNQIIEQLIKKEKVYLAWVPAHKGIGGNEQV
DKLVSAGIRKVL
;
A
2 'polypeptide(L)'
;PISPIETVPVKLKPGMDGPKVKQWPLTEEKIKALVEICTEMEKEGKISKIGPENPYNTPVFAIKKKDSTKWRKLVDFREL
NKRTQDFWEVQLGIPHPAGLKKKKSVTVLDVGDAYFSVPLDEDFRKYTAFTIPSINNETPGIRYQYNVLPQGWKGSPAIF
QSSMTKILEPFRKQNPDIVIYQYMDDLYVGSDLEIGQHRTKIEELRQHLLRWGLTTPDKKHQKEPPFLWMGYELHPDKWT
VQPIVLPEKDSWTVNDIQKLVGKLNWASQIYPGIKVRQLSKLLRGTKALTEVIPLTEEAELELAENREILKEPVHGVYYD
PSKDLIAEIQKQGQGQWTYQIYQEPFKNLKTGKYARMRGAHTNDVKQLTEAVQKITTESIVIWGKTPKFKLPIQKETWET
WWTEYWQATWIPEWEFVNTPPLVKLWYQLEKEPIVGAETF
;
B
3 'polydeoxyribonucleotide'
;(DA)(DC)(DA)(DG)(DT)(DC)(DC)(DC)(DT)(DG)(DT)(DT)(DC)(DG)(DG)(DG)(DC)(DG)(DC)(DC)
(DOC)
;
P
4 'polydeoxyribonucleotide'
;(DA)(DT)(DG)(DG)(DG)(DG)(DG)(DG)(DC)(DG)(DC)(DC)(DC)(DG)(DA)(DA)(DC)(DA)(DG)(DG)
(DG)(DA)(DC)(DT)(DG)(DT)(DG)
;
T
#
loop_
_chem_comp.id
_chem_comp.type
_chem_comp.name
_chem_comp.formula
DA DNA linking 2'-DEOXYADENOSINE-5'-MONOPHOSPHATE 'C10 H14 N5 O6 P'
DC DNA linking 2'-DEOXYCYTIDINE-5'-MONOPHOSPHATE 'C9 H14 N3 O7 P'
DCP non-polymer 2'-DEOXYCYTIDINE-5'-TRIPHOSPHATE 'C9 H16 N3 O13 P3'
DG DNA linking 2'-DEOXYGUANOSINE-5'-MONOPHOSPHATE 'C10 H14 N5 O7 P'
DOC DNA linking 2',3'-DIDEOXYCYTIDINE-5'-MONOPHOSPHATE 'C9 H14 N3 O6 P'
DT DNA linking THYMIDINE-5'-MONOPHOSPHATE 'C10 H15 N2 O8 P'
MG non-polymer 'MAGNESIUM ION' 'Mg 2'
SO4 non-polymer 'SULFATE ION' 'O4 S -2'
#
# COMPACT_ATOMS: atom_id res chain seq x y z
N PRO A 13 38.44 3.47 20.40
CA PRO A 13 38.59 4.90 20.07
C PRO A 13 37.23 5.55 19.78
N ILE A 14 37.10 6.84 20.05
CA ILE A 14 35.84 7.53 19.83
C ILE A 14 35.87 8.32 18.53
N SER A 15 34.84 8.12 17.70
CA SER A 15 34.67 8.88 16.45
C SER A 15 34.63 10.40 16.68
N PRO A 16 35.38 11.16 15.87
CA PRO A 16 35.27 12.61 15.79
C PRO A 16 34.13 13.04 14.88
N ILE A 17 33.08 12.23 14.78
CA ILE A 17 31.90 12.64 14.04
C ILE A 17 31.10 13.55 14.96
N GLU A 18 30.36 14.49 14.38
CA GLU A 18 29.51 15.35 15.16
C GLU A 18 28.45 14.49 15.80
N THR A 19 28.07 14.82 17.03
CA THR A 19 27.03 14.09 17.74
C THR A 19 25.68 14.44 17.11
N VAL A 20 24.64 13.66 17.36
CA VAL A 20 23.32 13.98 16.83
C VAL A 20 22.41 14.55 17.91
N PRO A 21 21.88 15.77 17.69
CA PRO A 21 21.12 16.53 18.69
C PRO A 21 19.82 15.84 19.08
N VAL A 22 19.78 15.37 20.32
CA VAL A 22 18.63 14.65 20.83
C VAL A 22 18.08 15.34 22.09
N LYS A 23 16.77 15.31 22.28
CA LYS A 23 16.15 15.86 23.48
C LYS A 23 15.09 14.90 24.00
N LEU A 24 14.60 15.14 25.22
CA LEU A 24 13.45 14.39 25.77
C LEU A 24 12.14 14.88 25.15
N LYS A 25 11.10 14.05 25.20
CA LYS A 25 9.76 14.52 24.89
C LYS A 25 9.40 15.61 25.92
N PRO A 26 8.78 16.71 25.47
CA PRO A 26 8.54 17.86 26.35
C PRO A 26 7.80 17.55 27.65
N GLY A 27 8.13 18.30 28.70
CA GLY A 27 7.48 18.17 29.97
C GLY A 27 7.90 16.95 30.74
N MET A 28 8.90 16.24 30.23
CA MET A 28 9.35 15.04 30.92
C MET A 28 10.78 15.21 31.39
N ASP A 29 11.19 14.33 32.30
CA ASP A 29 12.52 14.38 32.86
C ASP A 29 13.12 12.99 32.76
N GLY A 30 14.42 12.89 33.01
CA GLY A 30 15.14 11.63 32.89
C GLY A 30 14.76 10.61 33.93
N PRO A 31 15.20 9.35 33.72
CA PRO A 31 14.74 8.21 34.51
C PRO A 31 15.39 8.14 35.89
N LYS A 32 14.59 7.73 36.87
CA LYS A 32 15.11 7.44 38.19
C LYS A 32 14.66 6.03 38.55
N VAL A 33 15.55 5.06 38.37
CA VAL A 33 15.17 3.67 38.63
C VAL A 33 16.24 2.87 39.35
N LYS A 34 15.83 2.28 40.49
CA LYS A 34 16.67 1.42 41.33
C LYS A 34 17.48 0.46 40.48
N GLN A 35 18.74 0.25 40.83
CA GLN A 35 19.58 -0.70 40.12
C GLN A 35 19.35 -2.11 40.64
N TRP A 36 18.61 -2.92 39.90
CA TRP A 36 18.30 -4.25 40.43
C TRP A 36 19.56 -5.07 40.74
N PRO A 37 19.42 -6.11 41.60
CA PRO A 37 20.65 -6.82 42.00
C PRO A 37 21.22 -7.64 40.85
N LEU A 38 22.53 -7.80 40.81
CA LEU A 38 23.14 -8.57 39.73
C LEU A 38 23.96 -9.75 40.24
N THR A 39 24.04 -10.80 39.41
CA THR A 39 25.00 -11.88 39.56
C THR A 39 26.38 -11.33 39.87
N GLU A 40 27.22 -12.12 40.54
CA GLU A 40 28.56 -11.67 40.82
C GLU A 40 29.42 -11.81 39.56
N GLU A 41 29.13 -12.83 38.76
CA GLU A 41 29.90 -13.10 37.55
C GLU A 41 29.71 -11.97 36.53
N LYS A 42 28.53 -11.35 36.59
CA LYS A 42 28.16 -10.27 35.68
C LYS A 42 28.75 -8.94 36.16
N ILE A 43 28.84 -8.75 37.47
CA ILE A 43 29.50 -7.56 38.02
C ILE A 43 30.99 -7.54 37.68
N LYS A 44 31.64 -8.69 37.70
CA LYS A 44 33.05 -8.73 37.32
C LYS A 44 33.15 -8.46 35.83
N ALA A 45 32.14 -8.91 35.09
CA ALA A 45 32.10 -8.69 33.65
C ALA A 45 31.93 -7.21 33.39
N LEU A 46 31.07 -6.59 34.20
CA LEU A 46 30.75 -5.18 34.04
C LEU A 46 31.86 -4.23 34.51
N VAL A 47 32.50 -4.51 35.63
CA VAL A 47 33.58 -3.62 36.08
C VAL A 47 34.75 -3.74 35.12
N GLU A 48 34.94 -4.92 34.55
CA GLU A 48 35.98 -5.15 33.56
C GLU A 48 35.76 -4.21 32.36
N ILE A 49 34.51 -4.18 31.89
CA ILE A 49 34.04 -3.34 30.80
C ILE A 49 34.04 -1.87 31.19
N CYS A 50 33.59 -1.55 32.39
CA CYS A 50 33.49 -0.16 32.77
C CYS A 50 34.84 0.47 33.06
N THR A 51 35.74 -0.27 33.67
CA THR A 51 37.00 0.36 34.04
C THR A 51 37.73 0.71 32.77
N GLU A 52 37.53 -0.10 31.72
CA GLU A 52 38.19 0.16 30.45
C GLU A 52 37.55 1.30 29.70
N MET A 53 36.23 1.26 29.55
CA MET A 53 35.51 2.34 28.87
C MET A 53 35.75 3.69 29.50
N GLU A 54 35.99 3.67 30.80
CA GLU A 54 36.15 4.89 31.55
C GLU A 54 37.52 5.50 31.25
N LYS A 55 38.51 4.64 30.99
CA LYS A 55 39.83 5.13 30.63
C LYS A 55 39.85 5.66 29.21
N GLU A 56 38.79 5.42 28.46
CA GLU A 56 38.80 5.79 27.06
C GLU A 56 37.81 6.92 26.87
N GLY A 57 37.32 7.43 27.99
CA GLY A 57 36.39 8.55 27.97
C GLY A 57 35.05 8.19 27.36
N LYS A 58 34.73 6.90 27.35
CA LYS A 58 33.45 6.45 26.82
C LYS A 58 32.38 6.61 27.88
N ILE A 59 32.79 6.36 29.13
CA ILE A 59 31.94 6.67 30.27
C ILE A 59 32.70 7.54 31.26
N SER A 60 31.92 8.32 32.01
CA SER A 60 32.44 9.28 32.96
C SER A 60 31.79 9.04 34.30
N LYS A 61 32.60 9.07 35.36
CA LYS A 61 32.06 9.02 36.71
C LYS A 61 31.22 10.27 36.91
N ILE A 62 30.06 10.11 37.56
CA ILE A 62 29.19 11.23 37.93
C ILE A 62 29.12 11.35 39.46
N GLY A 63 28.46 12.41 39.95
CA GLY A 63 28.17 12.55 41.37
C GLY A 63 26.69 12.70 41.73
N PRO A 64 26.39 13.47 42.79
CA PRO A 64 24.99 13.72 43.17
C PRO A 64 24.33 14.86 42.38
N GLU A 65 25.11 15.56 41.56
CA GLU A 65 24.55 16.47 40.55
C GLU A 65 23.59 15.72 39.63
N ASN A 66 23.89 14.44 39.41
CA ASN A 66 23.11 13.56 38.58
C ASN A 66 22.10 12.75 39.42
N PRO A 67 20.82 13.16 39.40
CA PRO A 67 19.80 12.46 40.17
C PRO A 67 19.40 11.12 39.58
N TYR A 68 19.65 10.96 38.29
CA TYR A 68 19.07 9.85 37.50
C TYR A 68 19.76 8.50 37.71
N ASN A 69 19.09 7.44 37.28
CA ASN A 69 19.69 6.10 37.23
C ASN A 69 18.82 5.11 36.48
N THR A 70 19.46 4.14 35.85
CA THR A 70 18.77 3.17 34.98
C THR A 70 19.52 1.85 35.08
N PRO A 71 18.78 0.74 35.24
CA PRO A 71 19.38 -0.59 35.52
C PRO A 71 20.29 -1.12 34.41
N VAL A 72 21.32 -1.88 34.76
CA VAL A 72 22.18 -2.44 33.74
C VAL A 72 22.36 -3.93 33.92
N PHE A 73 22.62 -4.64 32.83
CA PHE A 73 22.97 -6.06 32.92
C PHE A 73 23.98 -6.40 31.83
N ALA A 74 24.18 -7.69 31.58
CA ALA A 74 25.13 -8.10 30.54
C ALA A 74 24.85 -9.52 30.08
N ILE A 75 24.78 -9.72 28.78
CA ILE A 75 24.55 -11.06 28.26
C ILE A 75 25.79 -11.51 27.50
N LYS A 76 25.95 -12.80 27.29
CA LYS A 76 27.07 -13.26 26.51
C LYS A 76 26.80 -13.05 25.04
N LYS A 77 27.84 -12.67 24.30
CA LYS A 77 27.75 -12.57 22.85
C LYS A 77 27.76 -13.97 22.19
N LYS A 78 27.72 -14.01 20.85
CA LYS A 78 27.80 -15.25 20.06
C LYS A 78 29.12 -16.00 20.31
N ASP A 79 30.03 -15.28 20.97
CA ASP A 79 31.48 -15.53 20.99
C ASP A 79 31.95 -16.59 22.01
N SER A 80 31.12 -16.88 23.02
CA SER A 80 31.46 -17.78 24.16
C SER A 80 32.19 -17.00 25.26
N THR A 81 32.79 -15.87 24.91
CA THR A 81 33.85 -15.32 25.76
C THR A 81 33.63 -13.91 26.29
N LYS A 82 33.22 -13.00 25.41
CA LYS A 82 33.11 -11.59 25.77
C LYS A 82 31.66 -11.25 26.10
N TRP A 83 31.51 -10.26 26.98
CA TRP A 83 30.19 -9.84 27.43
C TRP A 83 29.69 -8.60 26.69
N ARG A 84 28.37 -8.47 26.60
CA ARG A 84 27.78 -7.28 26.03
C ARG A 84 27.04 -6.54 27.12
N LYS A 85 27.57 -5.38 27.50
CA LYS A 85 26.91 -4.51 28.46
C LYS A 85 25.61 -3.92 27.86
N LEU A 86 24.51 -4.02 28.60
CA LEU A 86 23.20 -3.54 28.14
C LEU A 86 22.58 -2.67 29.22
N VAL A 87 21.59 -1.86 28.84
CA VAL A 87 20.94 -0.99 29.81
C VAL A 87 19.44 -0.96 29.57
N ASP A 88 18.67 -1.40 30.55
CA ASP A 88 17.23 -1.39 30.43
C ASP A 88 16.71 0.03 30.45
N PHE A 89 16.94 0.75 29.36
CA PHE A 89 16.46 2.12 29.24
C PHE A 89 14.97 2.22 28.90
N ARG A 90 14.23 1.15 29.14
CA ARG A 90 12.79 1.08 28.81
C ARG A 90 12.07 2.36 29.22
N GLU A 91 12.49 2.92 30.35
CA GLU A 91 11.85 4.09 30.91
C GLU A 91 12.31 5.38 30.22
N LEU A 92 13.62 5.55 30.09
CA LEU A 92 14.14 6.69 29.32
C LEU A 92 13.63 6.68 27.88
N ASN A 93 13.55 5.49 27.30
CA ASN A 93 13.01 5.30 25.96
C ASN A 93 11.57 5.84 25.80
N LYS A 94 10.75 5.68 26.85
CA LYS A 94 9.38 6.23 26.85
C LYS A 94 9.44 7.74 26.77
N ARG A 95 10.50 8.30 27.35
CA ARG A 95 10.59 9.76 27.52
C ARG A 95 11.51 10.49 26.54
N THR A 96 12.13 9.73 25.63
CA THR A 96 12.98 10.28 24.56
C THR A 96 12.16 10.63 23.32
N GLN A 97 12.57 11.67 22.62
CA GLN A 97 11.92 12.11 21.38
C GLN A 97 11.76 11.00 20.34
N ASP A 98 10.91 11.23 19.34
CA ASP A 98 10.80 10.28 18.25
C ASP A 98 11.97 10.42 17.27
N PHE A 99 12.50 9.31 16.78
CA PHE A 99 13.47 9.36 15.69
C PHE A 99 12.79 8.80 14.47
N TRP A 100 13.29 9.18 13.30
CA TRP A 100 12.88 8.51 12.09
C TRP A 100 13.89 7.42 11.84
N GLU A 101 13.44 6.19 11.91
CA GLU A 101 14.33 5.07 11.65
C GLU A 101 14.76 5.15 10.20
N VAL A 102 16.03 4.86 9.97
CA VAL A 102 16.56 4.97 8.62
C VAL A 102 16.85 3.60 8.01
N GLN A 103 16.84 2.57 8.85
CA GLN A 103 17.01 1.20 8.38
C GLN A 103 15.71 0.68 7.76
N LEU A 104 15.61 0.67 6.44
CA LEU A 104 14.31 0.47 5.81
C LEU A 104 13.97 -1.00 5.55
N GLY A 105 14.86 -1.90 5.92
CA GLY A 105 14.69 -3.29 5.59
C GLY A 105 15.98 -4.08 5.76
N ILE A 106 16.02 -5.27 5.16
CA ILE A 106 17.06 -6.24 5.46
C ILE A 106 17.65 -6.74 4.18
N PRO A 107 18.97 -6.56 4.01
CA PRO A 107 19.51 -6.97 2.71
C PRO A 107 19.38 -8.48 2.53
N HIS A 108 19.10 -8.93 1.31
CA HIS A 108 18.95 -10.35 1.08
C HIS A 108 19.99 -10.91 0.11
N PRO A 109 20.67 -11.99 0.50
CA PRO A 109 21.78 -12.51 -0.32
C PRO A 109 21.36 -12.74 -1.77
N ALA A 110 20.09 -13.09 -2.02
CA ALA A 110 19.60 -13.28 -3.37
C ALA A 110 19.73 -12.04 -4.24
N GLY A 111 19.96 -10.89 -3.60
CA GLY A 111 20.01 -9.63 -4.31
C GLY A 111 21.45 -9.24 -4.55
N LEU A 112 22.37 -10.01 -4.00
CA LEU A 112 23.77 -9.79 -4.26
C LEU A 112 24.12 -10.25 -5.66
N LYS A 113 24.91 -9.46 -6.38
CA LYS A 113 25.42 -9.87 -7.69
C LYS A 113 26.75 -10.62 -7.51
N LYS A 114 27.17 -11.41 -8.50
CA LYS A 114 28.41 -12.18 -8.33
C LYS A 114 29.61 -11.26 -8.32
N LYS A 115 30.52 -11.46 -7.37
CA LYS A 115 31.70 -10.59 -7.30
C LYS A 115 33.00 -11.37 -7.41
N LYS A 116 34.00 -10.77 -8.04
CA LYS A 116 35.30 -11.41 -8.15
C LYS A 116 35.95 -11.54 -6.78
N SER A 117 35.73 -10.57 -5.90
CA SER A 117 36.40 -10.61 -4.61
C SER A 117 35.50 -10.04 -3.54
N VAL A 118 35.46 -10.72 -2.41
CA VAL A 118 34.50 -10.41 -1.35
C VAL A 118 35.21 -10.38 0.00
N THR A 119 34.74 -9.49 0.86
CA THR A 119 35.25 -9.38 2.20
C THR A 119 34.09 -9.13 3.13
N VAL A 120 34.11 -9.73 4.32
CA VAL A 120 33.14 -9.33 5.34
C VAL A 120 33.90 -8.83 6.55
N LEU A 121 33.53 -7.63 6.99
CA LEU A 121 34.13 -6.96 8.13
C LEU A 121 33.08 -6.65 9.18
N ASP A 122 33.45 -6.74 10.45
CA ASP A 122 32.60 -6.25 11.53
C ASP A 122 33.38 -5.20 12.27
N VAL A 123 32.69 -4.20 12.82
CA VAL A 123 33.35 -3.15 13.59
C VAL A 123 33.49 -3.57 15.05
N GLY A 124 34.64 -3.27 15.66
CA GLY A 124 34.82 -3.57 17.07
C GLY A 124 34.07 -2.58 17.92
N ASP A 125 33.34 -3.08 18.92
CA ASP A 125 32.57 -2.28 19.88
C ASP A 125 31.94 -1.02 19.27
N ALA A 126 31.16 -1.25 18.22
CA ALA A 126 30.67 -0.20 17.33
C ALA A 126 29.97 0.99 18.00
N TYR A 127 28.88 0.73 18.74
CA TYR A 127 28.19 1.81 19.43
C TYR A 127 29.17 2.59 20.28
N PHE A 128 30.05 1.90 21.00
CA PHE A 128 30.86 2.62 21.98
C PHE A 128 31.90 3.49 21.28
N SER A 129 31.80 3.58 19.95
CA SER A 129 32.74 4.38 19.15
C SER A 129 32.06 5.63 18.59
N VAL A 130 30.75 5.74 18.79
CA VAL A 130 30.02 6.89 18.30
C VAL A 130 29.58 7.78 19.46
N PRO A 131 30.03 9.04 19.48
CA PRO A 131 29.78 9.88 20.66
C PRO A 131 28.30 10.19 20.81
N LEU A 132 27.85 10.38 22.05
CA LEU A 132 26.47 10.77 22.39
C LEU A 132 26.40 12.25 22.69
N ASP A 133 25.31 12.90 22.25
CA ASP A 133 25.09 14.33 22.49
C ASP A 133 25.35 14.72 23.94
N GLU A 134 26.07 15.82 24.14
CA GLU A 134 26.45 16.25 25.49
C GLU A 134 25.26 16.52 26.41
N ASP A 135 24.28 17.28 25.91
CA ASP A 135 23.15 17.69 26.73
C ASP A 135 22.30 16.52 27.18
N PHE A 136 22.47 15.38 26.52
CA PHE A 136 21.65 14.22 26.80
C PHE A 136 22.38 13.21 27.67
N ARG A 137 23.67 13.39 27.91
CA ARG A 137 24.43 12.38 28.64
C ARG A 137 23.91 12.14 30.06
N LYS A 138 23.39 13.19 30.69
CA LYS A 138 22.85 13.09 32.06
C LYS A 138 21.94 11.88 32.23
N TYR A 139 20.98 11.76 31.33
CA TYR A 139 19.91 10.81 31.51
C TYR A 139 20.39 9.38 31.37
N THR A 140 21.63 9.18 30.91
CA THR A 140 22.11 7.82 30.69
C THR A 140 22.79 7.28 31.93
N ALA A 141 22.57 7.96 33.05
CA ALA A 141 23.24 7.65 34.29
C ALA A 141 22.94 6.22 34.68
N PHE A 142 23.95 5.50 35.14
CA PHE A 142 23.75 4.14 35.66
C PHE A 142 24.73 3.86 36.81
N THR A 143 24.59 2.72 37.47
CA THR A 143 25.40 2.38 38.64
C THR A 143 25.89 0.94 38.60
N ILE A 144 27.21 0.74 38.67
CA ILE A 144 27.78 -0.61 38.78
C ILE A 144 27.96 -0.96 40.25
N PRO A 145 27.23 -1.96 40.76
CA PRO A 145 27.30 -2.35 42.18
C PRO A 145 28.55 -3.17 42.51
N GLY A 153 30.64 0.93 45.18
CA GLY A 153 30.12 0.67 43.83
C GLY A 153 29.85 1.92 43.00
N ILE A 154 30.44 1.98 41.80
CA ILE A 154 30.63 3.24 41.07
C ILE A 154 29.49 3.70 40.18
N ARG A 155 29.33 5.02 40.08
CA ARG A 155 28.24 5.66 39.32
C ARG A 155 28.73 6.37 38.04
N TYR A 156 28.28 5.90 36.88
CA TYR A 156 28.75 6.43 35.61
C TYR A 156 27.65 7.03 34.73
N GLN A 157 28.05 7.82 33.75
CA GLN A 157 27.17 8.17 32.64
C GLN A 157 27.85 7.83 31.30
N TYR A 158 27.05 7.73 30.25
CA TYR A 158 27.56 7.43 28.90
C TYR A 158 27.99 8.69 28.15
N ASN A 159 29.20 8.67 27.58
CA ASN A 159 29.64 9.67 26.60
C ASN A 159 29.52 9.13 25.17
N VAL A 160 29.09 7.88 25.05
CA VAL A 160 28.90 7.22 23.76
C VAL A 160 27.50 6.65 23.70
N LEU A 161 27.15 6.02 22.58
CA LEU A 161 25.82 5.41 22.45
C LEU A 161 25.70 4.19 23.34
N PRO A 162 24.65 4.14 24.18
CA PRO A 162 24.36 2.96 25.01
C PRO A 162 23.58 1.91 24.25
N GLN A 163 23.77 0.65 24.62
CA GLN A 163 22.98 -0.41 24.01
C GLN A 163 21.72 -0.67 24.81
N GLY A 164 20.61 -0.11 24.38
CA GLY A 164 19.37 -0.27 25.11
C GLY A 164 18.54 0.99 24.95
N TRP A 165 19.22 2.07 24.58
CA TRP A 165 18.55 3.30 24.18
C TRP A 165 17.89 3.06 22.83
N LYS A 166 16.77 3.74 22.58
CA LYS A 166 16.06 3.60 21.31
C LYS A 166 16.62 4.54 20.25
N GLY A 167 17.38 5.55 20.67
CA GLY A 167 18.05 6.44 19.72
C GLY A 167 19.27 5.82 19.06
N SER A 168 19.84 4.82 19.71
CA SER A 168 21.14 4.32 19.32
C SER A 168 21.17 3.69 17.92
N PRO A 169 20.18 2.85 17.58
CA PRO A 169 20.36 2.27 16.25
C PRO A 169 20.24 3.29 15.12
N ALA A 170 19.28 4.20 15.18
CA ALA A 170 19.14 5.13 14.07
C ALA A 170 20.35 6.05 14.01
N ILE A 171 20.82 6.45 15.18
CA ILE A 171 21.98 7.35 15.22
C ILE A 171 23.22 6.65 14.70
N PHE A 172 23.47 5.41 15.10
CA PHE A 172 24.64 4.70 14.58
C PHE A 172 24.54 4.47 13.08
N GLN A 173 23.39 4.03 12.64
CA GLN A 173 23.22 3.75 11.21
C GLN A 173 23.46 4.99 10.37
N SER A 174 22.82 6.08 10.73
CA SER A 174 23.06 7.36 10.07
C SER A 174 24.53 7.78 10.15
N SER A 175 25.11 7.72 11.34
CA SER A 175 26.52 8.07 11.49
C SER A 175 27.41 7.19 10.62
N MET A 176 27.15 5.88 10.65
CA MET A 176 27.88 4.93 9.81
C MET A 176 27.78 5.33 8.33
N THR A 177 26.57 5.67 7.88
CA THR A 177 26.32 6.12 6.52
C THR A 177 27.11 7.39 6.17
N LYS A 178 27.13 8.39 7.04
CA LYS A 178 27.98 9.58 6.82
C LYS A 178 29.43 9.19 6.59
N ILE A 179 29.92 8.31 7.44
CA ILE A 179 31.33 7.94 7.45
C ILE A 179 31.74 7.26 6.15
N LEU A 180 30.86 6.43 5.60
CA LEU A 180 31.17 5.71 4.36
C LEU A 180 30.88 6.50 3.09
N GLU A 181 30.13 7.60 3.21
CA GLU A 181 29.77 8.42 2.05
C GLU A 181 31.00 8.85 1.22
N PRO A 182 32.03 9.46 1.86
CA PRO A 182 33.27 9.74 1.12
C PRO A 182 33.86 8.54 0.39
N PHE A 183 34.04 7.43 1.09
CA PHE A 183 34.65 6.25 0.48
C PHE A 183 33.80 5.78 -0.69
N ARG A 184 32.48 5.95 -0.58
CA ARG A 184 31.61 5.42 -1.61
C ARG A 184 31.69 6.28 -2.84
N LYS A 185 31.73 7.61 -2.67
CA LYS A 185 31.86 8.51 -3.82
C LYS A 185 33.23 8.33 -4.49
N GLN A 186 34.26 8.20 -3.67
CA GLN A 186 35.59 7.97 -4.19
C GLN A 186 35.73 6.58 -4.82
N ASN A 187 34.94 5.63 -4.35
CA ASN A 187 35.03 4.27 -4.88
C ASN A 187 33.67 3.74 -5.32
N PRO A 188 33.06 4.36 -6.34
CA PRO A 188 31.69 4.07 -6.74
C PRO A 188 31.43 2.62 -7.10
N ASP A 189 32.47 1.88 -7.48
CA ASP A 189 32.26 0.55 -8.05
C ASP A 189 32.72 -0.54 -7.08
N ILE A 190 33.06 -0.14 -5.85
CA ILE A 190 33.22 -1.05 -4.72
C ILE A 190 31.87 -1.08 -4.03
N VAL A 191 31.26 -2.25 -3.89
CA VAL A 191 29.94 -2.29 -3.27
C VAL A 191 30.03 -2.67 -1.80
N ILE A 192 29.34 -1.92 -0.95
CA ILE A 192 29.44 -2.10 0.49
C ILE A 192 28.07 -2.21 1.12
N TYR A 193 27.60 -3.44 1.31
CA TYR A 193 26.34 -3.67 2.02
C TYR A 193 26.61 -3.37 3.46
N GLN A 194 25.73 -2.59 4.07
CA GLN A 194 26.01 -2.01 5.36
C GLN A 194 24.86 -2.30 6.33
N TYR A 195 25.04 -3.29 7.18
CA TYR A 195 24.00 -3.62 8.15
C TYR A 195 24.53 -3.42 9.55
N MET A 196 24.02 -2.38 10.21
CA MET A 196 24.56 -1.89 11.47
C MET A 196 26.06 -1.63 11.32
N ASP A 197 26.89 -2.47 11.92
CA ASP A 197 28.33 -2.31 11.79
C ASP A 197 28.94 -3.40 10.89
N ASP A 198 28.12 -4.34 10.44
CA ASP A 198 28.55 -5.41 9.56
C ASP A 198 28.78 -4.86 8.17
N LEU A 199 29.90 -5.17 7.52
CA LEU A 199 30.06 -4.74 6.13
C LEU A 199 30.43 -5.87 5.17
N TYR A 200 29.65 -6.01 4.10
CA TYR A 200 30.03 -6.88 3.00
C TYR A 200 30.63 -6.01 1.89
N VAL A 201 31.88 -6.25 1.53
CA VAL A 201 32.53 -5.43 0.54
C VAL A 201 32.87 -6.23 -0.69
N GLY A 202 32.29 -5.87 -1.82
CA GLY A 202 32.51 -6.60 -3.05
C GLY A 202 33.11 -5.78 -4.16
N SER A 203 34.04 -6.38 -4.90
CA SER A 203 34.70 -5.68 -5.99
C SER A 203 34.89 -6.64 -7.12
N ASP A 204 35.12 -6.09 -8.31
CA ASP A 204 35.43 -6.93 -9.45
C ASP A 204 36.92 -6.92 -9.71
N LEU A 205 37.69 -6.76 -8.65
CA LEU A 205 39.12 -6.56 -8.74
C LEU A 205 39.79 -7.90 -8.54
N GLU A 206 41.01 -8.05 -9.05
CA GLU A 206 41.80 -9.25 -8.77
C GLU A 206 42.12 -9.25 -7.28
N ILE A 207 42.35 -10.41 -6.68
CA ILE A 207 42.42 -10.49 -5.21
C ILE A 207 43.34 -9.46 -4.53
N GLY A 208 44.50 -9.19 -5.12
CA GLY A 208 45.47 -8.30 -4.52
C GLY A 208 45.08 -6.83 -4.58
N GLN A 209 44.48 -6.41 -5.69
CA GLN A 209 43.96 -5.05 -5.84
C GLN A 209 42.75 -4.82 -4.88
N HIS A 210 41.96 -5.87 -4.70
CA HIS A 210 40.86 -5.84 -3.74
C HIS A 210 41.37 -5.63 -2.32
N ARG A 211 42.35 -6.43 -1.92
CA ARG A 211 42.89 -6.41 -0.56
C ARG A 211 43.47 -5.04 -0.26
N THR A 212 44.00 -4.41 -1.29
CA THR A 212 44.47 -3.05 -1.19
C THR A 212 43.30 -2.12 -0.87
N LYS A 213 42.19 -2.32 -1.58
CA LYS A 213 41.00 -1.49 -1.44
C LYS A 213 40.37 -1.68 -0.06
N ILE A 214 40.43 -2.91 0.44
CA ILE A 214 39.91 -3.20 1.75
C ILE A 214 40.72 -2.46 2.79
N GLU A 215 42.03 -2.42 2.59
CA GLU A 215 42.88 -1.79 3.58
C GLU A 215 42.65 -0.28 3.54
N GLU A 216 42.32 0.25 2.37
CA GLU A 216 41.93 1.64 2.25
C GLU A 216 40.66 1.87 3.06
N LEU A 217 39.72 0.95 2.92
CA LEU A 217 38.47 1.07 3.64
C LEU A 217 38.72 1.00 5.14
N ARG A 218 39.52 0.04 5.58
CA ARG A 218 39.62 -0.20 7.01
C ARG A 218 40.25 1.00 7.66
N GLN A 219 41.10 1.68 6.92
CA GLN A 219 41.81 2.82 7.46
C GLN A 219 40.96 4.06 7.39
N HIS A 220 40.08 4.13 6.39
CA HIS A 220 39.06 5.17 6.34
C HIS A 220 38.19 5.07 7.60
N LEU A 221 37.79 3.85 7.94
CA LEU A 221 36.97 3.64 9.12
C LEU A 221 37.76 4.01 10.37
N LEU A 222 39.05 3.66 10.39
CA LEU A 222 39.88 3.90 11.56
C LEU A 222 40.05 5.39 11.83
N ARG A 223 40.16 6.16 10.74
CA ARG A 223 40.25 7.63 10.81
C ARG A 223 39.00 8.18 11.49
N TRP A 224 37.86 7.53 11.27
CA TRP A 224 36.60 7.94 11.90
C TRP A 224 36.31 7.18 13.17
N GLY A 225 37.31 6.52 13.73
CA GLY A 225 37.20 5.89 15.04
C GLY A 225 36.59 4.50 15.09
N LEU A 226 36.21 3.95 13.93
CA LEU A 226 35.65 2.61 13.87
C LEU A 226 36.72 1.60 13.47
N THR A 227 37.13 0.77 14.42
CA THR A 227 38.14 -0.26 14.18
C THR A 227 37.55 -1.50 13.53
N THR A 228 38.40 -2.24 12.82
CA THR A 228 37.94 -3.49 12.24
C THR A 228 38.89 -4.61 12.62
N PRO A 229 38.61 -5.24 13.78
CA PRO A 229 39.50 -6.26 14.36
C PRO A 229 39.67 -7.42 13.40
N ASP A 230 40.90 -7.89 13.19
CA ASP A 230 41.13 -8.97 12.25
C ASP A 230 40.31 -10.23 12.59
N LYS A 231 39.84 -10.34 13.82
CA LYS A 231 39.12 -11.53 14.22
C LYS A 231 37.78 -11.61 13.52
N LYS A 232 37.21 -10.47 13.17
CA LYS A 232 35.90 -10.46 12.51
C LYS A 232 36.07 -10.07 11.04
N HIS A 233 37.29 -10.21 10.54
CA HIS A 233 37.63 -9.90 9.17
C HIS A 233 37.71 -11.21 8.40
N GLN A 234 36.68 -11.49 7.61
CA GLN A 234 36.65 -12.71 6.81
C GLN A 234 37.28 -12.48 5.45
N LYS A 235 38.24 -13.33 5.08
CA LYS A 235 38.95 -13.15 3.82
C LYS A 235 38.72 -14.25 2.79
N GLU A 236 38.11 -15.35 3.21
CA GLU A 236 37.97 -16.52 2.34
C GLU A 236 36.55 -17.01 2.33
N PRO A 237 36.10 -17.61 1.22
CA PRO A 237 34.80 -18.27 1.28
C PRO A 237 34.90 -19.52 2.14
N PRO A 238 33.78 -19.93 2.76
CA PRO A 238 32.47 -19.26 2.71
C PRO A 238 32.33 -18.15 3.74
N PHE A 239 31.72 -17.05 3.33
CA PHE A 239 31.58 -15.93 4.25
C PHE A 239 30.36 -16.08 5.12
N LEU A 240 30.49 -15.80 6.40
CA LEU A 240 29.31 -15.79 7.23
C LEU A 240 28.73 -14.39 7.29
N TRP A 241 27.50 -14.24 6.80
CA TRP A 241 26.92 -12.93 6.63
C TRP A 241 25.41 -12.94 6.78
N MET A 242 24.90 -12.07 7.66
CA MET A 242 23.47 -11.85 7.84
C MET A 242 22.66 -13.12 8.13
N GLY A 243 23.32 -14.15 8.65
CA GLY A 243 22.64 -15.37 8.97
C GLY A 243 22.81 -16.44 7.91
N TYR A 244 23.65 -16.15 6.92
CA TYR A 244 23.89 -17.05 5.80
C TYR A 244 25.34 -17.42 5.68
N GLU A 245 25.61 -18.42 4.86
CA GLU A 245 26.96 -18.66 4.38
C GLU A 245 26.99 -18.29 2.93
N LEU A 246 27.90 -17.40 2.54
CA LEU A 246 28.00 -16.99 1.13
C LEU A 246 29.18 -17.68 0.45
N HIS A 247 28.89 -18.57 -0.48
CA HIS A 247 29.95 -19.21 -1.28
C HIS A 247 30.16 -18.43 -2.58
N PRO A 248 31.11 -18.84 -3.45
CA PRO A 248 31.27 -17.92 -4.57
C PRO A 248 30.14 -18.02 -5.60
N ASP A 249 29.47 -19.18 -5.67
CA ASP A 249 28.47 -19.46 -6.70
C ASP A 249 27.07 -19.69 -6.13
N LYS A 250 26.98 -19.69 -4.80
CA LYS A 250 25.74 -20.09 -4.17
C LYS A 250 25.74 -19.60 -2.75
N TRP A 251 24.54 -19.52 -2.17
CA TRP A 251 24.42 -19.13 -0.78
C TRP A 251 23.51 -20.11 -0.10
N THR A 252 23.64 -20.16 1.22
CA THR A 252 22.95 -21.13 2.04
C THR A 252 22.54 -20.44 3.34
N VAL A 253 21.45 -20.90 3.97
CA VAL A 253 21.11 -20.36 5.26
C VAL A 253 21.77 -21.25 6.31
N GLN A 254 22.26 -20.64 7.37
CA GLN A 254 22.86 -21.39 8.44
C GLN A 254 21.76 -22.28 9.05
N PRO A 255 22.09 -23.55 9.33
CA PRO A 255 21.14 -24.62 9.61
C PRO A 255 20.00 -24.18 10.52
N ILE A 256 18.79 -24.61 10.15
CA ILE A 256 17.59 -24.29 10.92
C ILE A 256 17.12 -25.53 11.67
N VAL A 257 17.18 -25.44 13.00
CA VAL A 257 16.94 -26.59 13.85
C VAL A 257 15.60 -26.39 14.56
N LEU A 258 14.59 -27.13 14.10
CA LEU A 258 13.28 -27.04 14.72
C LEU A 258 13.26 -27.77 16.05
N PRO A 259 12.49 -27.25 17.02
CA PRO A 259 12.27 -27.95 18.29
C PRO A 259 11.71 -29.37 18.06
N GLU A 260 11.61 -30.16 19.14
CA GLU A 260 10.92 -31.45 19.02
C GLU A 260 10.17 -31.78 20.31
N LYS A 261 9.93 -30.76 21.13
CA LYS A 261 9.08 -30.86 22.31
C LYS A 261 7.74 -31.51 21.96
N ASP A 262 7.50 -32.72 22.44
CA ASP A 262 6.26 -33.42 22.10
C ASP A 262 5.10 -33.02 23.02
N SER A 263 5.18 -31.80 23.54
CA SER A 263 4.06 -31.15 24.21
C SER A 263 4.16 -29.63 24.01
N TRP A 264 3.80 -29.20 22.79
CA TRP A 264 3.95 -27.81 22.37
C TRP A 264 3.05 -26.81 23.12
N THR A 265 3.61 -25.64 23.44
CA THR A 265 2.87 -24.50 24.03
C THR A 265 2.76 -23.32 23.06
N VAL A 266 1.86 -22.38 23.35
CA VAL A 266 1.69 -21.21 22.48
C VAL A 266 3.03 -20.52 22.19
N ASN A 267 3.90 -20.42 23.19
CA ASN A 267 5.24 -19.92 22.95
C ASN A 267 6.01 -20.84 22.01
N ASP A 268 5.90 -22.15 22.26
CA ASP A 268 6.62 -23.15 21.46
C ASP A 268 6.19 -23.14 20.00
N ILE A 269 4.89 -22.97 19.77
CA ILE A 269 4.33 -22.90 18.43
C ILE A 269 4.91 -21.69 17.69
N CYS A 270 4.71 -20.51 18.29
CA CYS A 270 5.22 -19.26 17.77
C CYS A 270 6.70 -19.32 17.39
N LYS A 271 7.50 -20.06 18.14
CA LYS A 271 8.91 -20.22 17.76
C LYS A 271 9.03 -21.14 16.57
N LEU A 272 8.11 -22.09 16.43
CA LEU A 272 8.21 -23.02 15.33
C LEU A 272 7.65 -22.38 14.06
N VAL A 273 6.56 -21.63 14.19
CA VAL A 273 6.04 -20.87 13.03
C VAL A 273 7.09 -19.89 12.55
N GLY A 274 7.76 -19.24 13.50
CA GLY A 274 8.79 -18.27 13.19
C GLY A 274 10.00 -18.85 12.48
N LYS A 275 10.53 -19.96 12.97
CA LYS A 275 11.67 -20.58 12.31
C LYS A 275 11.29 -21.07 10.93
N LEU A 276 10.03 -21.46 10.75
CA LEU A 276 9.58 -21.98 9.46
C LEU A 276 9.49 -20.86 8.41
N ASN A 277 8.82 -19.76 8.77
CA ASN A 277 8.72 -18.62 7.88
C ASN A 277 10.09 -18.11 7.47
N TRP A 278 10.99 -18.06 8.42
CA TRP A 278 12.36 -17.74 8.14
C TRP A 278 12.94 -18.75 7.18
N ALA A 279 12.47 -19.99 7.28
CA ALA A 279 13.08 -21.07 6.51
C ALA A 279 12.57 -21.03 5.09
N SER A 280 11.38 -20.47 4.91
CA SER A 280 10.69 -20.58 3.64
C SER A 280 11.33 -19.70 2.55
N GLN A 281 12.30 -18.88 2.95
CA GLN A 281 12.97 -18.01 2.00
C GLN A 281 13.81 -18.80 1.01
N ILE A 282 14.16 -20.04 1.35
CA ILE A 282 15.00 -20.83 0.45
C ILE A 282 14.50 -22.28 0.42
N TYR A 283 13.67 -22.64 1.41
CA TYR A 283 13.02 -23.97 1.43
C TYR A 283 11.66 -23.97 0.74
N PRO A 284 11.56 -24.67 -0.40
CA PRO A 284 10.28 -24.71 -1.10
C PRO A 284 9.28 -25.58 -0.36
N GLY A 285 8.02 -25.15 -0.30
CA GLY A 285 6.95 -26.02 0.16
C GLY A 285 6.57 -25.91 1.62
N ILE A 286 7.15 -24.94 2.32
CA ILE A 286 6.81 -24.77 3.73
C ILE A 286 5.36 -24.27 3.88
N LYS A 287 4.62 -24.93 4.78
CA LYS A 287 3.25 -24.56 5.13
C LYS A 287 3.14 -24.32 6.63
N VAL A 288 2.38 -23.32 7.03
CA VAL A 288 2.19 -23.07 8.44
C VAL A 288 0.75 -22.74 8.77
N ARG A 289 -0.16 -22.96 7.83
CA ARG A 289 -1.57 -22.70 8.08
C ARG A 289 -2.06 -23.45 9.29
N GLN A 290 -1.86 -24.76 9.27
CA GLN A 290 -2.41 -25.64 10.31
C GLN A 290 -1.77 -25.40 11.68
N LEU A 291 -0.48 -25.08 11.67
CA LEU A 291 0.19 -24.62 12.86
C LEU A 291 -0.36 -23.27 13.35
N SER A 292 -0.46 -22.29 12.45
CA SER A 292 -0.93 -20.97 12.84
C SER A 292 -2.35 -21.03 13.40
N LYS A 293 -3.23 -21.71 12.67
CA LYS A 293 -4.62 -21.97 13.11
C LYS A 293 -4.73 -22.30 14.61
N LEU A 294 -3.77 -23.07 15.13
CA LEU A 294 -3.76 -23.47 16.53
C LEU A 294 -3.88 -22.32 17.51
N LEU A 295 -3.17 -21.23 17.29
CA LEU A 295 -3.12 -20.22 18.32
C LEU A 295 -4.22 -19.18 18.18
N ARG A 296 -5.47 -19.64 18.11
CA ARG A 296 -6.61 -18.71 18.13
C ARG A 296 -7.34 -18.77 19.47
N ALA A 300 -2.88 -16.48 26.24
CA ALA A 300 -1.53 -16.12 26.70
C ALA A 300 -0.47 -17.22 26.44
N LEU A 301 0.79 -16.85 26.59
CA LEU A 301 1.92 -17.62 26.01
C LEU A 301 2.30 -18.94 26.67
N THR A 302 1.93 -19.15 27.92
CA THR A 302 2.29 -20.40 28.60
C THR A 302 1.29 -21.49 28.25
N GLU A 303 0.11 -21.08 27.74
CA GLU A 303 -0.95 -22.01 27.37
C GLU A 303 -0.44 -23.13 26.48
N VAL A 304 -0.53 -24.36 26.99
CA VAL A 304 -0.23 -25.52 26.18
C VAL A 304 -1.42 -25.74 25.26
N ILE A 305 -1.14 -26.17 24.03
CA ILE A 305 -2.20 -26.55 23.10
C ILE A 305 -1.90 -27.92 22.48
N PRO A 306 -2.93 -28.78 22.41
CA PRO A 306 -2.81 -30.05 21.68
C PRO A 306 -2.73 -29.86 20.16
N LEU A 307 -1.72 -30.46 19.52
CA LEU A 307 -1.65 -30.45 18.07
C LEU A 307 -2.91 -31.05 17.46
N THR A 308 -3.31 -30.54 16.30
CA THR A 308 -4.37 -31.16 15.54
C THR A 308 -3.67 -32.13 14.59
N GLU A 309 -4.45 -32.91 13.85
CA GLU A 309 -3.95 -34.02 12.99
C GLU A 309 -3.35 -33.37 11.80
N GLU A 310 -4.15 -32.45 11.28
CA GLU A 310 -3.83 -31.59 10.18
C GLU A 310 -2.55 -30.82 10.48
N ALA A 311 -2.43 -30.33 11.71
CA ALA A 311 -1.23 -29.63 12.16
C ALA A 311 0.00 -30.52 12.18
N GLU A 312 -0.06 -31.64 12.89
CA GLU A 312 1.13 -32.49 13.01
C GLU A 312 1.51 -33.08 11.66
N LEU A 313 0.51 -33.34 10.82
CA LEU A 313 0.77 -33.87 9.49
C LEU A 313 1.58 -32.84 8.72
N GLU A 314 1.25 -31.58 8.96
CA GLU A 314 1.95 -30.45 8.33
C GLU A 314 3.39 -30.36 8.83
N LEU A 315 3.50 -30.25 10.15
CA LEU A 315 4.77 -30.21 10.86
C LEU A 315 5.76 -31.27 10.35
N ALA A 316 5.25 -32.48 10.14
CA ALA A 316 6.06 -33.56 9.64
C ALA A 316 6.46 -33.29 8.20
N GLU A 317 5.58 -32.66 7.43
CA GLU A 317 5.85 -32.40 6.01
C GLU A 317 7.01 -31.40 5.89
N ASN A 318 6.90 -30.33 6.68
CA ASN A 318 7.98 -29.35 6.81
C ASN A 318 9.27 -30.00 7.29
N ARG A 319 9.14 -30.87 8.29
CA ARG A 319 10.30 -31.58 8.82
C ARG A 319 11.03 -32.37 7.74
N GLU A 320 10.26 -32.89 6.78
CA GLU A 320 10.89 -33.65 5.71
C GLU A 320 11.53 -32.72 4.72
N ILE A 321 10.92 -31.55 4.54
CA ILE A 321 11.45 -30.53 3.64
C ILE A 321 12.83 -30.07 4.10
N LEU A 322 12.94 -29.71 5.38
CA LEU A 322 14.17 -29.17 5.93
C LEU A 322 15.35 -30.15 5.88
N LYS A 323 15.04 -31.45 5.86
CA LYS A 323 16.07 -32.48 5.76
C LYS A 323 16.88 -32.40 4.46
N GLU A 324 16.28 -31.89 3.39
CA GLU A 324 16.95 -31.85 2.09
C GLU A 324 17.98 -30.73 2.01
N PRO A 325 18.99 -30.88 1.14
CA PRO A 325 20.01 -29.85 1.01
C PRO A 325 19.63 -28.83 -0.06
N VAL A 326 19.74 -27.55 0.26
CA VAL A 326 19.29 -26.52 -0.67
C VAL A 326 20.16 -25.26 -0.62
N HIS A 327 20.32 -24.61 -1.76
CA HIS A 327 21.06 -23.38 -1.78
C HIS A 327 20.34 -22.37 -2.65
N GLY A 328 20.75 -21.10 -2.57
CA GLY A 328 20.25 -20.10 -3.49
C GLY A 328 21.37 -19.68 -4.41
N VAL A 329 21.06 -18.93 -5.46
CA VAL A 329 22.13 -18.36 -6.27
C VAL A 329 22.15 -16.82 -6.22
N TYR A 330 23.14 -16.23 -6.85
CA TYR A 330 23.22 -14.78 -6.85
C TYR A 330 22.55 -14.23 -8.08
N TYR A 331 22.50 -12.92 -8.17
CA TYR A 331 21.63 -12.28 -9.13
C TYR A 331 22.45 -11.80 -10.30
N ASP A 332 22.01 -12.19 -11.50
CA ASP A 332 22.55 -11.69 -12.76
C ASP A 332 21.57 -10.70 -13.38
N PRO A 333 21.88 -9.40 -13.32
CA PRO A 333 20.95 -8.38 -13.83
C PRO A 333 20.79 -8.39 -15.35
N SER A 334 21.65 -9.14 -16.04
CA SER A 334 21.59 -9.30 -17.48
C SER A 334 20.50 -10.26 -17.92
N LYS A 335 19.93 -10.96 -16.94
CA LYS A 335 18.90 -11.95 -17.18
C LYS A 335 17.58 -11.50 -16.60
N ASP A 336 16.53 -12.25 -16.88
CA ASP A 336 15.22 -11.91 -16.35
C ASP A 336 15.03 -12.42 -14.93
N LEU A 337 14.10 -11.80 -14.22
CA LEU A 337 13.59 -12.35 -12.97
C LEU A 337 12.32 -13.12 -13.23
N ILE A 338 12.33 -14.39 -12.90
CA ILE A 338 11.13 -15.19 -13.08
C ILE A 338 10.62 -15.63 -11.72
N ALA A 339 9.33 -15.53 -11.53
CA ALA A 339 8.70 -16.07 -10.32
C ALA A 339 7.63 -17.05 -10.70
N GLU A 340 7.69 -18.28 -10.18
CA GLU A 340 6.60 -19.19 -10.43
C GLU A 340 5.92 -19.45 -9.12
N ILE A 341 4.59 -19.61 -9.17
CA ILE A 341 3.78 -19.78 -7.97
C ILE A 341 3.09 -21.14 -7.99
N GLN A 342 3.18 -21.87 -6.88
CA GLN A 342 2.47 -23.14 -6.72
C GLN A 342 1.28 -22.93 -5.80
N LYS A 343 0.12 -23.49 -6.15
CA LYS A 343 -0.99 -23.47 -5.20
C LYS A 343 -0.84 -24.61 -4.17
N GLN A 344 -0.96 -24.28 -2.89
CA GLN A 344 -0.73 -25.22 -1.79
C GLN A 344 -2.03 -25.70 -1.13
N GLY A 345 -3.14 -25.05 -1.46
CA GLY A 345 -4.44 -25.42 -0.92
C GLY A 345 -4.72 -24.68 0.35
N GLN A 346 -6.00 -24.51 0.68
CA GLN A 346 -6.44 -23.79 1.89
C GLN A 346 -5.83 -22.40 2.03
N GLY A 347 -5.84 -21.63 0.95
CA GLY A 347 -5.31 -20.28 1.00
C GLY A 347 -3.79 -20.19 1.14
N GLN A 348 -3.07 -21.26 0.77
CA GLN A 348 -1.62 -21.30 0.90
C GLN A 348 -0.94 -21.33 -0.46
N TRP A 349 0.20 -20.64 -0.56
CA TRP A 349 0.91 -20.46 -1.83
C TRP A 349 2.44 -20.44 -1.61
N THR A 350 3.19 -21.15 -2.44
CA THR A 350 4.63 -21.03 -2.36
C THR A 350 5.09 -20.46 -3.68
N TYR A 351 6.26 -19.85 -3.69
CA TYR A 351 6.76 -19.32 -4.95
C TYR A 351 8.27 -19.51 -5.03
N GLN A 352 8.78 -19.51 -6.24
CA GLN A 352 10.19 -19.67 -6.48
C GLN A 352 10.65 -18.58 -7.44
N ILE A 353 11.65 -17.82 -7.05
CA ILE A 353 12.13 -16.75 -7.90
C ILE A 353 13.49 -17.16 -8.44
N TYR A 354 13.63 -17.19 -9.77
CA TYR A 354 14.84 -17.68 -10.41
C TYR A 354 15.13 -16.99 -11.74
N GLN A 355 16.26 -17.35 -12.33
CA GLN A 355 16.62 -16.77 -13.61
C GLN A 355 16.97 -17.85 -14.59
N GLU A 356 17.69 -18.86 -14.11
CA GLU A 356 17.98 -20.08 -14.85
C GLU A 356 17.29 -21.22 -14.16
N PRO A 357 16.54 -22.04 -14.91
CA PRO A 357 15.64 -23.05 -14.34
C PRO A 357 16.31 -23.96 -13.30
N PHE A 358 15.60 -24.25 -12.22
CA PHE A 358 16.11 -25.09 -11.13
C PHE A 358 17.33 -24.48 -10.44
N LYS A 359 17.58 -23.20 -10.67
CA LYS A 359 18.58 -22.48 -9.89
C LYS A 359 17.92 -21.29 -9.17
N ASN A 360 17.22 -21.56 -8.08
CA ASN A 360 16.48 -20.52 -7.36
C ASN A 360 17.34 -19.35 -6.86
N LEU A 361 16.81 -18.14 -6.98
CA LEU A 361 17.36 -16.98 -6.31
C LEU A 361 16.91 -17.04 -4.87
N LYS A 362 15.61 -17.14 -4.68
CA LYS A 362 15.07 -17.42 -3.36
C LYS A 362 13.68 -18.02 -3.55
N THR A 363 13.02 -18.33 -2.45
CA THR A 363 11.67 -18.87 -2.50
C THR A 363 10.85 -18.12 -1.47
N GLY A 364 9.60 -18.51 -1.28
CA GLY A 364 8.77 -17.88 -0.28
C GLY A 364 7.37 -18.45 -0.23
N LYS A 365 6.60 -18.01 0.76
CA LYS A 365 5.20 -18.39 0.90
C LYS A 365 4.28 -17.18 1.12
N TYR A 366 3.15 -17.20 0.42
CA TYR A 366 2.04 -16.31 0.74
C TYR A 366 0.94 -17.13 1.40
N ALA A 367 0.36 -16.66 2.49
CA ALA A 367 -0.71 -17.45 3.07
C ALA A 367 -1.71 -16.61 3.84
N ARG A 368 -1.70 -15.31 3.60
CA ARG A 368 -2.49 -14.41 4.42
C ARG A 368 -3.95 -14.53 4.04
N MET A 369 -4.78 -14.80 5.04
CA MET A 369 -6.21 -14.80 4.81
C MET A 369 -6.74 -13.39 5.01
N ARG A 370 -7.25 -12.79 3.94
CA ARG A 370 -7.86 -11.46 4.02
C ARG A 370 -9.19 -11.37 3.25
N GLY A 371 -10.23 -11.06 4.00
CA GLY A 371 -11.58 -11.16 3.49
C GLY A 371 -12.28 -12.32 4.14
N ALA A 372 -13.46 -12.02 4.69
CA ALA A 372 -14.38 -13.02 5.20
C ALA A 372 -14.75 -14.02 4.11
N HIS A 373 -14.86 -13.52 2.89
CA HIS A 373 -15.14 -14.36 1.75
C HIS A 373 -14.18 -13.99 0.65
N THR A 374 -13.69 -15.01 -0.05
CA THR A 374 -12.73 -14.83 -1.13
C THR A 374 -12.70 -16.06 -2.04
N ASN A 375 -11.88 -15.96 -3.08
CA ASN A 375 -11.68 -17.11 -3.94
C ASN A 375 -10.24 -17.19 -4.36
N ASP A 376 -9.91 -18.18 -5.17
CA ASP A 376 -8.51 -18.44 -5.44
C ASP A 376 -7.91 -17.45 -6.41
N VAL A 377 -8.71 -16.77 -7.23
CA VAL A 377 -8.13 -15.81 -8.14
C VAL A 377 -7.75 -14.51 -7.42
N LYS A 378 -8.58 -14.07 -6.47
CA LYS A 378 -8.22 -12.95 -5.61
C LYS A 378 -6.90 -13.25 -4.92
N GLN A 379 -6.81 -14.44 -4.35
CA GLN A 379 -5.66 -14.76 -3.55
C GLN A 379 -4.41 -14.85 -4.38
N LEU A 380 -4.54 -15.40 -5.58
CA LEU A 380 -3.42 -15.45 -6.49
C LEU A 380 -2.97 -14.02 -6.75
N THR A 381 -3.94 -13.13 -7.01
CA THR A 381 -3.62 -11.73 -7.28
C THR A 381 -2.91 -11.09 -6.09
N GLU A 382 -3.35 -11.42 -4.88
CA GLU A 382 -2.66 -10.91 -3.69
C GLU A 382 -1.21 -11.43 -3.63
N ALA A 383 -1.01 -12.72 -3.96
CA ALA A 383 0.32 -13.32 -4.01
C ALA A 383 1.23 -12.64 -5.02
N VAL A 384 0.72 -12.45 -6.24
CA VAL A 384 1.44 -11.73 -7.27
C VAL A 384 1.85 -10.37 -6.73
N GLN A 385 0.95 -9.72 -6.00
CA GLN A 385 1.24 -8.41 -5.45
C GLN A 385 2.36 -8.46 -4.43
N LYS A 386 2.27 -9.37 -3.46
CA LYS A 386 3.31 -9.45 -2.45
C LYS A 386 4.65 -9.64 -3.12
N ILE A 387 4.78 -10.66 -3.95
CA ILE A 387 6.02 -10.95 -4.66
C ILE A 387 6.58 -9.75 -5.47
N THR A 388 5.67 -9.03 -6.12
CA THR A 388 6.06 -7.86 -6.87
C THR A 388 6.70 -6.83 -5.97
N THR A 389 6.07 -6.54 -4.85
CA THR A 389 6.62 -5.59 -3.90
C THR A 389 7.98 -6.04 -3.39
N GLU A 390 8.08 -7.34 -3.17
CA GLU A 390 9.28 -7.90 -2.59
C GLU A 390 10.44 -7.96 -3.63
N SER A 391 10.12 -8.30 -4.87
CA SER A 391 11.17 -8.27 -5.90
C SER A 391 11.67 -6.85 -6.07
N ILE A 392 10.78 -5.89 -5.88
CA ILE A 392 11.12 -4.48 -6.10
C ILE A 392 12.10 -4.03 -5.01
N VAL A 393 11.86 -4.45 -3.78
CA VAL A 393 12.83 -4.19 -2.72
C VAL A 393 14.18 -4.83 -3.03
N ILE A 394 14.15 -6.13 -3.33
CA ILE A 394 15.39 -6.90 -3.42
C ILE A 394 16.21 -6.68 -4.71
N TRP A 395 15.56 -6.67 -5.87
CA TRP A 395 16.31 -6.48 -7.11
C TRP A 395 15.97 -5.17 -7.80
N GLY A 396 14.94 -4.49 -7.31
CA GLY A 396 14.57 -3.19 -7.82
C GLY A 396 13.80 -3.26 -9.11
N LYS A 397 13.14 -4.39 -9.35
CA LYS A 397 12.38 -4.54 -10.56
C LYS A 397 11.30 -5.61 -10.37
N THR A 398 10.29 -5.60 -11.23
CA THR A 398 9.25 -6.62 -11.18
C THR A 398 9.70 -7.89 -11.90
N PRO A 399 9.30 -9.06 -11.42
CA PRO A 399 9.65 -10.27 -12.17
C PRO A 399 8.59 -10.67 -13.20
N LYS A 400 8.97 -11.56 -14.10
CA LYS A 400 8.03 -12.16 -15.05
C LYS A 400 7.34 -13.28 -14.27
N PHE A 401 6.04 -13.48 -14.49
CA PHE A 401 5.39 -14.52 -13.72
C PHE A 401 5.04 -15.80 -14.50
N LYS A 402 5.09 -16.92 -13.80
CA LYS A 402 4.69 -18.21 -14.30
C LYS A 402 3.62 -18.64 -13.32
N LEU A 403 2.36 -18.70 -13.74
CA LEU A 403 1.27 -18.94 -12.79
C LEU A 403 0.41 -20.13 -13.21
N PRO A 404 -0.07 -20.91 -12.24
CA PRO A 404 -0.95 -22.03 -12.58
C PRO A 404 -2.37 -21.57 -12.85
N ILE A 405 -2.54 -20.62 -13.77
CA ILE A 405 -3.87 -20.12 -14.14
C ILE A 405 -3.95 -19.88 -15.65
N GLN A 406 -4.96 -20.46 -16.29
CA GLN A 406 -5.12 -20.33 -17.74
C GLN A 406 -5.46 -18.89 -18.09
N LYS A 407 -4.94 -18.41 -19.22
CA LYS A 407 -5.23 -17.05 -19.67
C LYS A 407 -6.73 -16.76 -19.73
N GLU A 408 -7.51 -17.73 -20.20
CA GLU A 408 -8.98 -17.66 -20.24
C GLU A 408 -9.62 -17.52 -18.85
N THR A 409 -9.08 -18.20 -17.85
CA THR A 409 -9.62 -18.09 -16.48
C THR A 409 -9.51 -16.66 -15.94
N TRP A 410 -8.32 -16.08 -16.09
CA TRP A 410 -8.07 -14.73 -15.68
C TRP A 410 -8.95 -13.79 -16.47
N GLU A 411 -9.01 -13.99 -17.78
CA GLU A 411 -9.83 -13.15 -18.63
C GLU A 411 -11.28 -13.06 -18.15
N THR A 412 -11.86 -14.23 -17.89
CA THR A 412 -13.21 -14.33 -17.36
C THR A 412 -13.36 -13.51 -16.09
N TRP A 413 -12.43 -13.70 -15.15
CA TRP A 413 -12.49 -13.05 -13.85
C TRP A 413 -12.37 -11.54 -13.95
N TRP A 414 -11.48 -11.08 -14.84
CA TRP A 414 -11.30 -9.66 -15.08
C TRP A 414 -12.49 -9.03 -15.83
N THR A 415 -13.31 -9.86 -16.48
CA THR A 415 -14.55 -9.36 -17.05
C THR A 415 -15.65 -9.32 -15.99
N GLU A 416 -15.91 -10.49 -15.38
CA GLU A 416 -16.91 -10.66 -14.30
C GLU A 416 -16.74 -9.74 -13.09
N TYR A 417 -15.54 -9.24 -12.84
CA TYR A 417 -15.26 -8.53 -11.60
C TYR A 417 -15.45 -7.05 -11.80
N TRP A 418 -16.09 -6.41 -10.83
CA TRP A 418 -16.45 -5.01 -10.93
C TRP A 418 -15.31 -4.12 -10.45
N GLN A 419 -14.16 -4.73 -10.16
CA GLN A 419 -13.04 -3.97 -9.66
C GLN A 419 -11.88 -3.93 -10.64
N ALA A 420 -11.04 -2.92 -10.48
CA ALA A 420 -9.78 -2.91 -11.20
C ALA A 420 -8.92 -3.99 -10.59
N THR A 421 -8.43 -4.90 -11.43
CA THR A 421 -7.53 -5.93 -10.94
C THR A 421 -6.53 -6.17 -12.04
N TRP A 422 -5.31 -6.52 -11.67
CA TRP A 422 -4.29 -6.71 -12.68
C TRP A 422 -3.10 -7.52 -12.19
N ILE A 423 -2.63 -8.34 -13.10
CA ILE A 423 -1.46 -9.17 -12.93
C ILE A 423 -0.45 -8.82 -14.04
N PRO A 424 0.82 -8.56 -13.68
CA PRO A 424 1.79 -8.13 -14.71
C PRO A 424 2.10 -9.24 -15.70
N GLU A 425 3.12 -9.03 -16.52
CA GLU A 425 3.48 -9.96 -17.59
C GLU A 425 3.61 -11.39 -17.05
N TRP A 426 2.88 -12.32 -17.65
CA TRP A 426 2.89 -13.68 -17.14
C TRP A 426 2.52 -14.77 -18.17
N GLU A 427 2.89 -15.99 -17.84
CA GLU A 427 2.78 -17.15 -18.72
C GLU A 427 2.21 -18.30 -17.91
N PHE A 428 1.30 -19.07 -18.48
CA PHE A 428 0.63 -20.16 -17.76
C PHE A 428 1.56 -21.35 -17.56
N VAL A 429 1.36 -22.13 -16.50
CA VAL A 429 2.14 -23.35 -16.33
C VAL A 429 1.30 -24.54 -15.89
N ASN A 430 1.27 -25.59 -16.71
CA ASN A 430 0.35 -26.73 -16.53
C ASN A 430 0.44 -27.46 -15.18
N THR A 431 1.37 -27.07 -14.32
CA THR A 431 1.61 -27.74 -13.04
C THR A 431 0.54 -27.53 -11.97
N PRO A 432 -0.30 -28.54 -11.71
CA PRO A 432 -1.49 -28.49 -10.83
C PRO A 432 -1.12 -28.28 -9.38
N PRO A 433 -2.09 -27.95 -8.50
CA PRO A 433 -3.51 -27.62 -8.69
C PRO A 433 -3.77 -26.31 -9.43
N LEU A 434 -4.28 -26.37 -10.68
CA LEU A 434 -4.63 -25.16 -11.43
C LEU A 434 -5.67 -24.30 -10.71
N VAL A 435 -5.48 -22.98 -10.75
CA VAL A 435 -6.42 -22.06 -10.10
C VAL A 435 -7.63 -21.86 -10.97
N LYS A 436 -8.82 -22.07 -10.43
CA LYS A 436 -9.98 -21.89 -11.28
C LYS A 436 -11.12 -21.12 -10.62
N LEU A 437 -12.09 -20.75 -11.43
CA LEU A 437 -13.36 -20.27 -10.94
C LEU A 437 -14.22 -21.51 -10.82
N TRP A 438 -14.85 -21.67 -9.65
CA TRP A 438 -15.51 -22.92 -9.34
C TRP A 438 -16.98 -22.92 -9.74
N TYR A 439 -17.44 -21.77 -10.25
CA TYR A 439 -18.78 -21.62 -10.79
C TYR A 439 -18.94 -20.24 -11.38
N GLN A 440 -19.88 -20.07 -12.30
CA GLN A 440 -20.09 -18.76 -12.89
C GLN A 440 -21.55 -18.37 -12.88
N LEU A 441 -21.89 -17.33 -12.14
CA LEU A 441 -23.23 -16.77 -12.23
C LEU A 441 -23.56 -16.40 -13.67
N GLU A 442 -24.82 -16.56 -14.04
CA GLU A 442 -25.27 -16.23 -15.37
C GLU A 442 -25.45 -14.73 -15.51
N LYS A 443 -25.16 -14.21 -16.71
CA LYS A 443 -25.36 -12.79 -17.00
C LYS A 443 -26.81 -12.50 -17.35
N GLU A 444 -27.55 -13.49 -17.84
CA GLU A 444 -28.94 -13.28 -18.20
C GLU A 444 -29.80 -14.34 -17.51
N PRO A 445 -31.09 -14.04 -17.24
CA PRO A 445 -31.94 -14.99 -16.54
C PRO A 445 -32.12 -16.24 -17.37
N ILE A 446 -32.35 -17.36 -16.71
CA ILE A 446 -32.35 -18.66 -17.36
C ILE A 446 -33.73 -19.10 -17.75
N VAL A 447 -33.94 -19.28 -19.04
CA VAL A 447 -35.22 -19.78 -19.54
C VAL A 447 -35.44 -21.22 -19.06
N GLY A 448 -36.65 -21.50 -18.61
CA GLY A 448 -36.96 -22.81 -18.11
C GLY A 448 -36.10 -23.10 -16.89
N ALA A 449 -36.33 -22.29 -15.87
CA ALA A 449 -35.69 -22.45 -14.60
C ALA A 449 -36.62 -21.83 -13.60
N GLU A 450 -36.92 -22.57 -12.55
CA GLU A 450 -37.84 -22.10 -11.56
C GLU A 450 -37.32 -20.83 -10.94
N THR A 451 -38.20 -19.85 -10.78
CA THR A 451 -37.82 -18.55 -10.27
C THR A 451 -38.15 -18.45 -8.81
N PHE A 452 -37.12 -18.31 -7.99
CA PHE A 452 -37.28 -18.15 -6.54
C PHE A 452 -37.18 -16.69 -6.08
N TYR A 453 -38.20 -16.23 -5.37
CA TYR A 453 -38.14 -14.93 -4.73
C TYR A 453 -37.83 -15.16 -3.28
N VAL A 454 -36.61 -14.89 -2.85
CA VAL A 454 -36.23 -15.20 -1.47
C VAL A 454 -36.24 -13.96 -0.62
N ASP A 455 -36.27 -14.17 0.69
CA ASP A 455 -36.21 -13.06 1.63
C ASP A 455 -36.04 -13.57 3.04
N GLY A 456 -35.54 -12.69 3.90
CA GLY A 456 -35.39 -12.98 5.31
C GLY A 456 -35.66 -11.73 6.14
N ALA A 457 -36.24 -11.94 7.32
CA ALA A 457 -36.43 -10.87 8.28
C ALA A 457 -36.03 -11.42 9.64
N ALA A 458 -35.50 -10.56 10.49
CA ALA A 458 -35.10 -10.96 11.83
C ALA A 458 -35.43 -9.88 12.83
N ASN A 459 -35.89 -10.31 13.99
CA ASN A 459 -36.22 -9.41 15.09
C ASN A 459 -34.96 -8.99 15.85
N ARG A 460 -34.69 -7.68 15.93
CA ARG A 460 -33.49 -7.21 16.60
C ARG A 460 -33.50 -7.56 18.08
N GLU A 461 -34.67 -7.43 18.72
CA GLU A 461 -34.77 -7.66 20.17
C GLU A 461 -34.65 -9.16 20.52
N THR A 462 -35.48 -10.00 19.90
CA THR A 462 -35.56 -11.43 20.25
C THR A 462 -34.54 -12.33 19.55
N LYS A 463 -33.95 -11.84 18.46
CA LYS A 463 -33.02 -12.59 17.62
C LYS A 463 -33.67 -13.75 16.87
N LEU A 464 -34.98 -13.91 17.02
CA LEU A 464 -35.73 -14.85 16.20
C LEU A 464 -35.87 -14.26 14.81
N GLY A 465 -36.02 -15.12 13.81
CA GLY A 465 -36.12 -14.67 12.43
C GLY A 465 -36.65 -15.75 11.50
N LYS A 466 -36.94 -15.37 10.27
CA LYS A 466 -37.44 -16.34 9.33
C LYS A 466 -36.80 -16.15 7.97
N ALA A 467 -36.45 -17.25 7.33
CA ALA A 467 -35.99 -17.23 5.94
C ALA A 467 -36.96 -18.01 5.11
N GLY A 468 -37.05 -17.73 3.82
CA GLY A 468 -37.91 -18.53 2.96
C GLY A 468 -38.10 -17.98 1.56
N TYR A 469 -38.91 -18.67 0.76
CA TYR A 469 -39.09 -18.24 -0.62
C TYR A 469 -40.50 -18.41 -1.13
N VAL A 470 -40.66 -18.00 -2.37
CA VAL A 470 -41.90 -18.09 -3.09
C VAL A 470 -41.43 -18.32 -4.51
N THR A 471 -42.03 -19.27 -5.23
CA THR A 471 -41.59 -19.51 -6.60
C THR A 471 -42.70 -19.26 -7.61
N ASN A 472 -42.31 -18.99 -8.85
CA ASN A 472 -43.28 -18.76 -9.92
C ASN A 472 -44.14 -19.97 -10.19
N ARG A 473 -43.78 -21.11 -9.62
CA ARG A 473 -44.50 -22.36 -9.83
C ARG A 473 -45.40 -22.68 -8.65
N GLY A 474 -45.45 -21.75 -7.70
CA GLY A 474 -46.39 -21.87 -6.61
C GLY A 474 -45.84 -22.47 -5.34
N ARG A 475 -44.55 -22.81 -5.32
CA ARG A 475 -43.96 -23.38 -4.12
C ARG A 475 -43.61 -22.27 -3.15
N GLN A 476 -43.97 -22.44 -1.90
CA GLN A 476 -43.54 -21.52 -0.87
C GLN A 476 -43.14 -22.28 0.38
N LYS A 477 -42.19 -21.72 1.11
CA LYS A 477 -41.58 -22.39 2.25
C LYS A 477 -40.97 -21.34 3.16
N VAL A 478 -41.24 -21.39 4.47
CA VAL A 478 -40.49 -20.52 5.37
C VAL A 478 -39.84 -21.39 6.43
N VAL A 479 -38.59 -21.05 6.75
CA VAL A 479 -37.82 -21.71 7.78
C VAL A 479 -37.59 -20.76 8.96
N THR A 480 -37.94 -21.18 10.17
CA THR A 480 -37.73 -20.31 11.33
C THR A 480 -36.32 -20.49 11.86
N LEU A 481 -35.73 -19.40 12.30
CA LEU A 481 -34.34 -19.42 12.72
C LEU A 481 -34.24 -18.88 14.12
N THR A 482 -33.17 -19.26 14.81
CA THR A 482 -32.96 -18.78 16.16
C THR A 482 -31.54 -18.21 16.36
N ASP A 483 -31.45 -17.18 17.20
CA ASP A 483 -30.22 -16.42 17.39
C ASP A 483 -29.59 -16.03 16.05
N THR A 484 -30.36 -15.31 15.26
CA THR A 484 -29.94 -14.94 13.93
C THR A 484 -29.90 -13.43 13.77
N THR A 485 -29.65 -12.99 12.54
CA THR A 485 -29.52 -11.57 12.23
C THR A 485 -30.12 -11.33 10.85
N ASN A 486 -30.33 -10.08 10.47
CA ASN A 486 -31.00 -9.84 9.21
C ASN A 486 -30.21 -10.37 8.03
N GLN A 487 -28.92 -10.06 8.02
CA GLN A 487 -28.08 -10.49 6.90
C GLN A 487 -28.06 -12.01 6.85
N LYS A 488 -27.98 -12.65 8.02
CA LYS A 488 -27.98 -14.10 8.08
C LYS A 488 -29.25 -14.64 7.46
N THR A 489 -30.39 -14.04 7.79
CA THR A 489 -31.64 -14.57 7.27
C THR A 489 -31.74 -14.41 5.77
N GLU A 490 -30.99 -13.48 5.19
CA GLU A 490 -31.05 -13.31 3.75
C GLU A 490 -30.15 -14.34 3.06
N LEU A 491 -29.00 -14.62 3.67
CA LEU A 491 -28.13 -15.68 3.19
C LEU A 491 -28.83 -17.03 3.37
N GLN A 492 -29.54 -17.19 4.48
CA GLN A 492 -30.30 -18.43 4.69
C GLN A 492 -31.39 -18.62 3.63
N ALA A 493 -32.01 -17.53 3.20
CA ALA A 493 -33.09 -17.64 2.21
C ALA A 493 -32.51 -18.10 0.90
N ILE A 494 -31.40 -17.52 0.50
CA ILE A 494 -30.74 -17.96 -0.71
C ILE A 494 -30.31 -19.43 -0.61
N TYR A 495 -29.81 -19.85 0.56
CA TYR A 495 -29.36 -21.23 0.75
C TYR A 495 -30.52 -22.16 0.60
N LEU A 496 -31.62 -21.74 1.17
CA LEU A 496 -32.83 -22.51 1.13
C LEU A 496 -33.29 -22.66 -0.31
N ALA A 497 -33.20 -21.60 -1.11
CA ALA A 497 -33.61 -21.69 -2.52
C ALA A 497 -32.67 -22.59 -3.32
N LEU A 498 -31.38 -22.54 -3.03
CA LEU A 498 -30.46 -23.44 -3.71
C LEU A 498 -30.73 -24.88 -3.34
N GLN A 499 -31.11 -25.10 -2.08
CA GLN A 499 -31.35 -26.43 -1.58
C GLN A 499 -32.58 -27.09 -2.22
N ASP A 500 -33.57 -26.31 -2.63
CA ASP A 500 -34.80 -26.88 -3.12
C ASP A 500 -35.01 -26.68 -4.63
N SER A 501 -33.93 -26.38 -5.33
CA SER A 501 -34.07 -26.03 -6.72
C SER A 501 -33.40 -27.06 -7.60
N GLY A 502 -33.70 -27.02 -8.89
CA GLY A 502 -33.14 -27.95 -9.82
C GLY A 502 -31.72 -27.58 -10.07
N LEU A 503 -31.14 -28.12 -11.12
CA LEU A 503 -29.78 -27.78 -11.43
C LEU A 503 -29.74 -26.38 -12.04
N GLU A 504 -30.91 -25.84 -12.35
CA GLU A 504 -30.98 -24.51 -12.92
C GLU A 504 -31.97 -23.67 -12.15
N VAL A 505 -31.53 -22.54 -11.62
CA VAL A 505 -32.41 -21.71 -10.80
C VAL A 505 -32.21 -20.20 -11.03
N ASN A 506 -33.32 -19.46 -11.06
CA ASN A 506 -33.30 -18.01 -11.06
C ASN A 506 -33.62 -17.60 -9.64
N ILE A 507 -32.74 -16.86 -8.97
CA ILE A 507 -33.08 -16.40 -7.63
C ILE A 507 -33.18 -14.89 -7.58
N VAL A 508 -34.27 -14.36 -7.05
CA VAL A 508 -34.38 -12.91 -6.90
C VAL A 508 -34.30 -12.52 -5.44
N THR A 509 -33.30 -11.71 -5.12
CA THR A 509 -33.10 -11.26 -3.73
C THR A 509 -33.20 -9.74 -3.65
N ASP A 510 -33.56 -9.21 -2.47
CA ASP A 510 -33.53 -7.77 -2.27
C ASP A 510 -32.35 -7.37 -1.38
N SER A 511 -31.52 -8.36 -1.04
CA SER A 511 -30.43 -8.16 -0.10
C SER A 511 -29.16 -7.76 -0.81
N GLN A 512 -28.87 -6.46 -0.76
CA GLN A 512 -27.66 -5.91 -1.36
C GLN A 512 -26.43 -6.63 -0.81
N TYR A 513 -26.45 -6.83 0.51
CA TYR A 513 -25.42 -7.56 1.23
C TYR A 513 -25.11 -8.90 0.61
N ALA A 514 -26.14 -9.75 0.54
CA ALA A 514 -26.03 -11.13 0.02
C ALA A 514 -25.64 -11.18 -1.44
N LEU A 515 -26.18 -10.24 -2.20
CA LEU A 515 -25.90 -10.17 -3.62
C LEU A 515 -24.44 -9.81 -3.84
N GLY A 516 -23.90 -8.96 -2.97
CA GLY A 516 -22.51 -8.55 -3.08
C GLY A 516 -21.53 -9.68 -2.78
N ILE A 517 -21.82 -10.43 -1.74
CA ILE A 517 -21.00 -11.60 -1.41
C ILE A 517 -20.99 -12.63 -2.54
N ILE A 518 -22.17 -13.10 -2.93
CA ILE A 518 -22.26 -14.19 -3.90
C ILE A 518 -21.74 -13.78 -5.28
N GLN A 519 -21.97 -12.53 -5.67
CA GLN A 519 -21.55 -12.05 -6.99
C GLN A 519 -20.04 -11.98 -7.13
N ALA A 520 -19.35 -11.99 -5.99
CA ALA A 520 -17.90 -11.94 -5.97
C ALA A 520 -17.30 -13.32 -6.21
N GLN A 521 -18.18 -14.31 -6.40
CA GLN A 521 -17.79 -15.69 -6.69
C GLN A 521 -16.75 -16.29 -5.75
N PRO A 522 -17.02 -16.30 -4.43
CA PRO A 522 -16.07 -16.92 -3.51
C PRO A 522 -16.05 -18.43 -3.62
N ASP A 523 -14.91 -19.04 -3.32
CA ASP A 523 -14.90 -20.47 -3.11
C ASP A 523 -14.58 -20.79 -1.66
N GLN A 524 -14.15 -19.79 -0.90
CA GLN A 524 -13.88 -19.98 0.53
C GLN A 524 -14.58 -18.96 1.38
N SER A 525 -14.92 -19.32 2.61
CA SER A 525 -15.47 -18.34 3.52
C SER A 525 -15.16 -18.68 4.95
N GLU A 526 -15.08 -17.64 5.79
CA GLU A 526 -15.06 -17.81 7.24
C GLU A 526 -16.40 -18.33 7.69
N SER A 527 -17.44 -17.97 6.92
CA SER A 527 -18.81 -18.31 7.29
C SER A 527 -19.19 -19.74 6.90
N GLU A 528 -19.62 -20.53 7.88
CA GLU A 528 -20.07 -21.88 7.61
C GLU A 528 -21.20 -21.80 6.57
N LEU A 529 -22.09 -20.86 6.78
CA LEU A 529 -23.27 -20.76 5.94
C LEU A 529 -22.89 -20.43 4.51
N VAL A 530 -21.93 -19.52 4.31
CA VAL A 530 -21.57 -19.15 2.95
C VAL A 530 -20.83 -20.32 2.29
N ASN A 531 -20.10 -21.08 3.09
CA ASN A 531 -19.46 -22.29 2.60
C ASN A 531 -20.52 -23.27 2.10
N GLN A 532 -21.58 -23.49 2.90
CA GLN A 532 -22.67 -24.38 2.51
C GLN A 532 -23.26 -23.90 1.19
N ILE A 533 -23.42 -22.57 1.07
CA ILE A 533 -23.92 -21.95 -0.15
C ILE A 533 -22.98 -22.19 -1.33
N ILE A 534 -21.67 -22.02 -1.11
CA ILE A 534 -20.70 -22.22 -2.18
C ILE A 534 -20.81 -23.64 -2.75
N GLU A 535 -20.99 -24.61 -1.85
CA GLU A 535 -21.13 -25.99 -2.26
C GLU A 535 -22.31 -26.10 -3.23
N GLN A 536 -23.44 -25.54 -2.85
CA GLN A 536 -24.62 -25.56 -3.69
C GLN A 536 -24.37 -24.90 -5.04
N LEU A 537 -23.62 -23.79 -5.05
CA LEU A 537 -23.39 -23.06 -6.31
C LEU A 537 -22.48 -23.87 -7.21
N ILE A 538 -21.60 -24.68 -6.62
CA ILE A 538 -20.69 -25.47 -7.41
C ILE A 538 -21.45 -26.67 -8.00
N LYS A 539 -22.36 -27.26 -7.21
CA LYS A 539 -23.20 -28.36 -7.71
C LYS A 539 -24.15 -27.97 -8.86
N LYS A 540 -24.68 -26.75 -8.82
CA LYS A 540 -25.70 -26.28 -9.76
C LYS A 540 -25.07 -26.13 -11.13
N GLU A 541 -25.88 -26.12 -12.19
CA GLU A 541 -25.26 -25.90 -13.49
C GLU A 541 -25.51 -24.52 -14.07
N LYS A 542 -26.61 -23.90 -13.68
CA LYS A 542 -26.83 -22.51 -14.06
C LYS A 542 -27.48 -21.79 -12.89
N VAL A 543 -26.92 -20.67 -12.46
CA VAL A 543 -27.55 -19.89 -11.39
C VAL A 543 -27.62 -18.48 -11.84
N TYR A 544 -28.73 -17.80 -11.53
CA TYR A 544 -28.89 -16.40 -11.89
C TYR A 544 -29.43 -15.61 -10.72
N LEU A 545 -28.68 -14.61 -10.30
CA LEU A 545 -29.06 -13.77 -9.17
C LEU A 545 -29.40 -12.36 -9.62
N ALA A 546 -30.68 -12.02 -9.46
CA ALA A 546 -31.19 -10.71 -9.78
C ALA A 546 -31.43 -9.98 -8.48
N TRP A 547 -31.35 -8.65 -8.49
CA TRP A 547 -31.66 -7.92 -7.27
C TRP A 547 -32.94 -7.12 -7.45
N VAL A 548 -33.70 -6.88 -6.39
CA VAL A 548 -34.81 -5.90 -6.45
C VAL A 548 -34.83 -5.05 -5.20
N PRO A 549 -35.34 -3.82 -5.31
CA PRO A 549 -35.52 -2.96 -4.13
C PRO A 549 -36.53 -3.56 -3.15
N ALA A 550 -36.23 -3.54 -1.85
CA ALA A 550 -37.15 -4.11 -0.86
C ALA A 550 -38.33 -3.17 -0.51
N HIS A 551 -39.40 -3.75 0.01
CA HIS A 551 -40.65 -3.04 0.30
C HIS A 551 -41.05 -2.03 -0.76
N LYS A 552 -41.36 -2.47 -1.97
CA LYS A 552 -41.90 -1.54 -2.96
C LYS A 552 -42.98 -2.21 -3.79
N GLY A 553 -43.62 -3.21 -3.19
CA GLY A 553 -44.76 -3.89 -3.79
C GLY A 553 -44.40 -4.76 -4.98
N ILE A 554 -43.10 -4.91 -5.23
CA ILE A 554 -42.61 -5.71 -6.34
C ILE A 554 -42.90 -7.21 -6.13
N GLY A 555 -43.80 -7.76 -6.92
CA GLY A 555 -44.10 -9.17 -6.81
C GLY A 555 -42.97 -9.93 -7.45
N GLY A 556 -42.64 -11.09 -6.90
CA GLY A 556 -43.32 -11.57 -5.73
C GLY A 556 -42.39 -11.46 -4.56
N ASN A 557 -41.45 -10.53 -4.66
CA ASN A 557 -40.70 -10.12 -3.48
C ASN A 557 -41.70 -9.68 -2.40
N GLU A 558 -42.83 -9.13 -2.86
CA GLU A 558 -43.90 -8.72 -1.98
C GLU A 558 -44.49 -9.91 -1.19
N GLN A 559 -44.79 -11.01 -1.88
CA GLN A 559 -45.46 -12.16 -1.23
C GLN A 559 -44.58 -12.83 -0.19
N VAL A 560 -43.29 -12.97 -0.51
CA VAL A 560 -42.33 -13.63 0.37
C VAL A 560 -41.99 -12.73 1.53
N ASP A 561 -42.06 -11.41 1.32
CA ASP A 561 -41.88 -10.46 2.42
C ASP A 561 -42.95 -10.64 3.51
N LYS A 562 -44.22 -10.82 3.12
CA LYS A 562 -45.29 -10.98 4.11
C LYS A 562 -45.11 -12.29 4.90
N LEU A 563 -44.83 -13.36 4.15
CA LEU A 563 -44.58 -14.70 4.69
C LEU A 563 -43.51 -14.72 5.78
N VAL A 564 -42.45 -13.99 5.50
CA VAL A 564 -41.25 -14.02 6.29
C VAL A 564 -41.32 -13.04 7.46
N SER A 565 -42.02 -11.93 7.25
CA SER A 565 -42.15 -10.87 8.26
C SER A 565 -43.33 -11.06 9.22
N ALA A 566 -43.51 -12.25 9.75
CA ALA A 566 -44.49 -12.43 10.82
C ALA A 566 -43.78 -12.36 12.16
N GLY A 567 -42.76 -11.50 12.25
CA GLY A 567 -41.93 -11.38 13.45
C GLY A 567 -40.83 -10.35 13.29
N ILE B 5 15.77 38.32 -0.19
CA ILE B 5 14.75 37.27 -0.11
C ILE B 5 14.65 36.66 1.30
N GLU B 6 13.87 37.29 2.17
CA GLU B 6 13.64 36.75 3.51
C GLU B 6 12.31 35.98 3.52
N THR B 7 12.16 35.08 4.49
CA THR B 7 11.12 34.05 4.41
C THR B 7 9.82 34.43 5.12
N VAL B 8 8.73 33.81 4.67
CA VAL B 8 7.42 33.96 5.29
C VAL B 8 7.22 32.91 6.36
N PRO B 9 6.97 33.33 7.61
CA PRO B 9 6.71 32.32 8.64
C PRO B 9 5.52 31.45 8.24
N VAL B 10 5.62 30.14 8.49
CA VAL B 10 4.55 29.21 8.16
C VAL B 10 4.26 28.30 9.33
N LYS B 11 2.98 28.08 9.60
CA LYS B 11 2.54 27.30 10.75
C LYS B 11 1.88 26.00 10.30
N LEU B 12 1.81 25.03 11.20
CA LEU B 12 0.90 23.91 11.04
C LEU B 12 -0.41 24.28 11.70
N LYS B 13 -1.50 23.70 11.24
CA LYS B 13 -2.78 23.87 11.92
C LYS B 13 -2.60 23.51 13.40
N PRO B 14 -3.36 24.17 14.28
CA PRO B 14 -3.21 23.93 15.72
C PRO B 14 -3.57 22.48 16.12
N GLY B 15 -2.88 21.96 17.12
CA GLY B 15 -3.08 20.59 17.55
C GLY B 15 -2.70 19.57 16.49
N MET B 16 -1.77 19.94 15.62
CA MET B 16 -1.33 19.02 14.58
C MET B 16 0.20 18.94 14.48
N ASP B 17 0.72 17.71 14.52
CA ASP B 17 2.15 17.48 14.30
C ASP B 17 2.41 17.28 12.81
N GLY B 18 3.68 17.31 12.42
CA GLY B 18 4.10 17.09 11.04
C GLY B 18 3.90 15.66 10.56
N PRO B 19 4.06 15.42 9.25
CA PRO B 19 3.81 14.10 8.68
C PRO B 19 4.82 13.04 9.11
N LYS B 20 4.34 11.80 9.26
CA LYS B 20 5.22 10.67 9.54
C LYS B 20 4.81 9.44 8.72
N VAL B 21 4.98 9.57 7.40
CA VAL B 21 4.67 8.51 6.43
C VAL B 21 5.90 7.72 5.99
N LYS B 22 5.85 6.39 6.09
CA LYS B 22 6.95 5.54 5.64
C LYS B 22 7.12 5.56 4.11
N GLN B 23 8.37 5.60 3.68
CA GLN B 23 8.67 5.51 2.25
C GLN B 23 8.31 4.12 1.75
N TRP B 24 7.72 4.07 0.56
CA TRP B 24 7.44 2.78 -0.05
C TRP B 24 8.60 2.35 -0.97
N PRO B 25 8.64 1.07 -1.37
CA PRO B 25 9.86 0.69 -2.10
C PRO B 25 9.86 1.22 -3.51
N LEU B 26 11.02 1.63 -4.00
CA LEU B 26 11.13 2.22 -5.34
C LEU B 26 11.89 1.29 -6.26
N THR B 27 11.68 1.41 -7.56
CA THR B 27 12.43 0.60 -8.50
C THR B 27 13.84 1.15 -8.67
N GLU B 28 14.72 0.36 -9.28
CA GLU B 28 16.10 0.78 -9.47
C GLU B 28 16.16 2.03 -10.29
N GLU B 29 15.53 2.02 -11.47
CA GLU B 29 15.37 3.23 -12.27
C GLU B 29 15.00 4.49 -11.46
N LYS B 30 13.95 4.40 -10.65
CA LYS B 30 13.51 5.56 -9.89
C LYS B 30 14.53 5.96 -8.84
N ILE B 31 15.12 5.00 -8.16
CA ILE B 31 16.12 5.36 -7.18
C ILE B 31 17.33 6.03 -7.83
N LYS B 32 17.79 5.47 -8.95
CA LYS B 32 18.94 6.04 -9.68
C LYS B 32 18.66 7.49 -10.03
N ALA B 33 17.44 7.77 -10.47
CA ALA B 33 17.04 9.14 -10.81
C ALA B 33 17.04 10.05 -9.57
N LEU B 34 16.30 9.64 -8.55
CA LEU B 34 16.23 10.38 -7.31
C LEU B 34 17.60 10.70 -6.73
N VAL B 35 18.53 9.76 -6.82
CA VAL B 35 19.87 9.96 -6.25
C VAL B 35 20.65 11.00 -7.07
N GLU B 36 20.51 10.89 -8.37
CA GLU B 36 21.10 11.84 -9.27
C GLU B 36 20.46 13.22 -9.07
N ILE B 37 19.13 13.27 -9.08
CA ILE B 37 18.40 14.53 -8.89
C ILE B 37 18.72 15.15 -7.55
N CYS B 38 18.67 14.36 -6.49
CA CYS B 38 18.98 14.89 -5.16
C CYS B 38 20.42 15.39 -4.98
N THR B 39 21.39 14.69 -5.58
CA THR B 39 22.75 15.18 -5.58
C THR B 39 22.84 16.61 -6.11
N GLU B 40 22.32 16.82 -7.31
CA GLU B 40 22.31 18.15 -7.91
C GLU B 40 21.52 19.12 -7.07
N MET B 41 20.40 18.69 -6.53
CA MET B 41 19.63 19.57 -5.67
C MET B 41 20.40 19.94 -4.40
N GLU B 42 21.30 19.08 -3.96
CA GLU B 42 22.04 19.37 -2.75
C GLU B 42 23.22 20.31 -3.09
N LYS B 43 23.80 20.13 -4.26
CA LYS B 43 24.87 21.01 -4.77
C LYS B 43 24.43 22.48 -4.83
N GLU B 44 23.16 22.70 -5.16
CA GLU B 44 22.62 24.03 -5.37
C GLU B 44 21.94 24.54 -4.10
N GLY B 45 22.30 23.97 -2.96
CA GLY B 45 21.70 24.31 -1.70
C GLY B 45 20.19 24.17 -1.55
N LYS B 46 19.54 23.54 -2.52
CA LYS B 46 18.08 23.46 -2.53
C LYS B 46 17.57 22.43 -1.49
N ILE B 47 18.32 21.35 -1.29
CA ILE B 47 18.05 20.44 -0.16
C ILE B 47 19.28 20.21 0.70
N SER B 48 19.07 19.89 1.97
CA SER B 48 20.19 19.52 2.85
C SER B 48 19.99 18.14 3.47
N LYS B 49 21.06 17.38 3.65
CA LYS B 49 20.98 16.12 4.40
C LYS B 49 20.56 16.37 5.85
N ILE B 50 19.80 15.45 6.43
CA ILE B 50 19.42 15.53 7.84
C ILE B 50 19.54 14.16 8.50
N GLY B 51 19.60 14.12 9.82
CA GLY B 51 19.73 12.84 10.49
C GLY B 51 18.41 12.23 10.89
N PRO B 52 18.45 11.27 11.82
CA PRO B 52 17.21 10.68 12.31
C PRO B 52 16.60 11.44 13.49
N GLU B 53 17.24 12.51 13.96
CA GLU B 53 16.66 13.28 15.08
C GLU B 53 15.39 14.01 14.60
N ASN B 54 15.37 14.44 13.34
CA ASN B 54 14.16 14.86 12.65
C ASN B 54 13.21 13.70 12.55
N PRO B 55 12.08 13.76 13.27
CA PRO B 55 11.15 12.62 13.36
C PRO B 55 10.13 12.56 12.24
N TYR B 56 10.20 13.46 11.26
CA TYR B 56 9.18 13.52 10.21
C TYR B 56 9.60 12.84 8.90
N ASN B 57 8.62 12.36 8.13
CA ASN B 57 8.92 11.82 6.81
C ASN B 57 7.75 11.82 5.85
N THR B 58 8.10 11.84 4.57
CA THR B 58 7.15 12.04 3.49
C THR B 58 7.71 11.28 2.28
N PRO B 59 6.86 10.54 1.57
CA PRO B 59 7.42 9.66 0.53
C PRO B 59 7.95 10.41 -0.67
N VAL B 60 8.89 9.84 -1.40
CA VAL B 60 9.31 10.40 -2.68
C VAL B 60 9.25 9.31 -3.69
N PHE B 61 9.01 9.70 -4.92
CA PHE B 61 9.31 8.84 -6.03
C PHE B 61 9.69 9.70 -7.21
N ALA B 62 9.45 9.20 -8.40
CA ALA B 62 9.97 9.85 -9.57
C ALA B 62 9.23 9.34 -10.79
N ILE B 63 8.89 10.26 -11.69
CA ILE B 63 8.23 9.86 -12.93
C ILE B 63 9.05 10.30 -14.12
N LYS B 64 9.01 9.46 -15.16
CA LYS B 64 9.68 9.68 -16.44
C LYS B 64 8.62 10.13 -17.44
N LYS B 65 8.72 11.38 -17.88
CA LYS B 65 7.66 11.98 -18.69
C LYS B 65 7.70 11.56 -20.16
N ASP B 67 8.15 10.23 -24.03
CA ASP B 67 9.46 9.65 -24.32
C ASP B 67 10.56 10.67 -24.02
N SER B 68 11.22 10.49 -22.88
CA SER B 68 12.24 11.42 -22.41
C SER B 68 13.52 10.72 -21.94
N THR B 69 14.47 11.55 -21.54
CA THR B 69 15.69 11.12 -20.87
C THR B 69 15.67 11.77 -19.49
N LYS B 70 14.53 12.39 -19.17
CA LYS B 70 14.45 13.32 -18.05
C LYS B 70 13.37 12.93 -17.05
N TRP B 71 13.81 12.64 -15.82
CA TRP B 71 12.94 12.26 -14.71
C TRP B 71 12.49 13.46 -13.91
N ARG B 72 11.37 13.31 -13.22
CA ARG B 72 10.83 14.38 -12.39
C ARG B 72 10.66 13.86 -10.99
N LYS B 73 11.30 14.47 -10.01
CA LYS B 73 11.05 14.08 -8.65
C LYS B 73 9.66 14.50 -8.27
N LEU B 74 9.00 13.67 -7.49
CA LEU B 74 7.68 13.97 -7.00
C LEU B 74 7.60 13.58 -5.53
N VAL B 75 7.43 14.56 -4.67
CA VAL B 75 7.30 14.32 -3.25
C VAL B 75 5.82 14.28 -2.91
N ASP B 76 5.38 13.19 -2.30
CA ASP B 76 3.97 13.04 -1.98
C ASP B 76 3.70 13.81 -0.71
N PHE B 77 3.34 15.08 -0.87
CA PHE B 77 3.12 15.98 0.25
C PHE B 77 1.65 16.05 0.71
N ARG B 78 0.84 15.04 0.40
CA ARG B 78 -0.58 15.09 0.75
C ARG B 78 -0.86 15.24 2.23
N GLU B 79 -0.13 14.55 3.11
CA GLU B 79 -0.30 14.81 4.54
C GLU B 79 0.12 16.24 4.89
N LEU B 80 1.33 16.63 4.49
CA LEU B 80 1.84 17.94 4.86
C LEU B 80 0.88 19.03 4.47
N ASN B 81 0.37 18.96 3.25
CA ASN B 81 -0.69 19.85 2.80
C ASN B 81 -1.94 19.81 3.70
N LYS B 82 -2.38 18.62 4.10
CA LYS B 82 -3.52 18.50 5.01
C LYS B 82 -3.22 19.24 6.31
N ARG B 83 -1.95 19.30 6.67
CA ARG B 83 -1.55 19.75 8.00
C ARG B 83 -1.04 21.19 8.03
N THR B 84 -0.91 21.82 6.87
CA THR B 84 -0.38 23.18 6.76
C THR B 84 -1.46 24.25 6.92
N GLN B 85 -1.17 25.24 7.76
CA GLN B 85 -2.09 26.35 8.04
C GLN B 85 -2.60 26.96 6.75
N ASP B 86 -3.91 27.13 6.68
CA ASP B 86 -4.59 27.47 5.44
C ASP B 86 -4.12 28.78 4.81
N PHE B 87 -4.29 28.86 3.49
CA PHE B 87 -4.00 30.08 2.73
C PHE B 87 -5.20 30.43 1.86
N PRO B 95 -8.29 33.39 -6.48
CA PRO B 95 -8.33 33.46 -7.95
C PRO B 95 -8.91 32.20 -8.62
N HIS B 96 -10.22 32.09 -8.84
CA HIS B 96 -10.65 31.04 -9.77
C HIS B 96 -11.50 31.57 -10.92
N PRO B 97 -10.96 31.48 -12.14
CA PRO B 97 -11.56 31.93 -13.39
C PRO B 97 -12.57 30.95 -13.95
N ALA B 98 -13.82 31.38 -13.99
CA ALA B 98 -14.88 30.58 -14.59
C ALA B 98 -14.68 30.51 -16.11
N GLY B 99 -13.86 31.40 -16.64
CA GLY B 99 -13.64 31.46 -18.08
C GLY B 99 -12.65 30.44 -18.61
N LEU B 100 -11.93 29.78 -17.69
CA LEU B 100 -10.95 28.78 -18.06
C LEU B 100 -11.60 27.47 -18.58
N LYS B 101 -12.79 27.15 -18.08
CA LYS B 101 -13.46 25.91 -18.52
C LYS B 101 -14.09 26.04 -19.89
N LYS B 102 -13.94 27.22 -20.51
CA LYS B 102 -14.57 27.48 -21.79
C LYS B 102 -13.60 27.50 -22.99
N LYS B 103 -12.30 27.61 -22.73
CA LYS B 103 -11.30 27.78 -23.79
C LYS B 103 -11.16 26.57 -24.71
N LYS B 104 -10.99 26.82 -26.01
CA LYS B 104 -10.88 25.72 -26.98
C LYS B 104 -9.62 24.91 -26.73
N SER B 105 -8.54 25.60 -26.37
CA SER B 105 -7.28 24.96 -26.05
C SER B 105 -6.76 25.47 -24.70
N VAL B 106 -6.45 24.55 -23.78
CA VAL B 106 -5.76 24.89 -22.54
C VAL B 106 -4.47 24.06 -22.45
N THR B 107 -3.33 24.69 -22.18
CA THR B 107 -2.07 23.96 -22.08
C THR B 107 -1.64 23.97 -20.62
N VAL B 108 -1.03 22.88 -20.17
CA VAL B 108 -0.52 22.78 -18.81
C VAL B 108 0.99 22.79 -18.76
N LEU B 109 1.55 23.86 -18.18
CA LEU B 109 3.00 24.07 -18.05
C LEU B 109 3.48 23.74 -16.65
N ASP B 110 4.68 23.17 -16.54
CA ASP B 110 5.26 22.87 -15.24
C ASP B 110 6.14 24.02 -14.72
N VAL B 111 5.53 24.91 -13.95
CA VAL B 111 6.26 26.02 -13.34
C VAL B 111 6.71 25.69 -11.93
N GLY B 112 7.08 24.44 -11.72
CA GLY B 112 7.51 23.99 -10.40
C GLY B 112 8.93 24.43 -10.07
N ASP B 113 9.75 24.63 -11.09
CA ASP B 113 11.15 25.02 -10.89
C ASP B 113 11.28 26.45 -10.37
N ALA B 114 10.19 27.19 -10.42
CA ALA B 114 10.16 28.57 -9.97
C ALA B 114 10.32 28.66 -8.45
N TYR B 115 9.89 27.63 -7.74
CA TYR B 115 9.85 27.71 -6.28
C TYR B 115 11.24 27.57 -5.63
N PHE B 116 12.19 27.03 -6.37
CA PHE B 116 13.52 26.77 -5.82
C PHE B 116 14.34 28.04 -5.66
N SER B 117 13.72 29.19 -5.93
CA SER B 117 14.40 30.47 -5.85
C SER B 117 14.02 31.20 -4.56
N VAL B 118 12.92 30.76 -3.94
CA VAL B 118 12.45 31.34 -2.69
C VAL B 118 12.84 30.44 -1.54
N PRO B 119 13.57 30.96 -0.56
CA PRO B 119 13.87 30.08 0.58
C PRO B 119 12.64 29.82 1.44
N LEU B 120 12.79 28.93 2.41
CA LEU B 120 11.70 28.33 3.18
C LEU B 120 11.93 28.52 4.67
N ASP B 121 10.92 29.04 5.38
CA ASP B 121 11.02 29.31 6.81
C ASP B 121 11.76 28.21 7.55
N GLU B 122 12.90 28.56 8.15
CA GLU B 122 13.77 27.58 8.82
C GLU B 122 13.02 26.65 9.79
N ASP B 123 12.01 27.17 10.49
CA ASP B 123 11.31 26.34 11.45
C ASP B 123 10.29 25.40 10.80
N PHE B 124 10.17 25.47 9.49
CA PHE B 124 9.22 24.62 8.79
C PHE B 124 9.92 23.49 8.06
N ARG B 125 11.16 23.75 7.64
CA ARG B 125 11.96 22.80 6.89
C ARG B 125 11.90 21.38 7.45
N LYS B 126 11.89 21.25 8.77
CA LYS B 126 11.91 19.93 9.37
C LYS B 126 10.73 19.05 8.91
N TYR B 127 9.60 19.67 8.58
CA TYR B 127 8.42 18.90 8.16
C TYR B 127 8.47 18.47 6.70
N THR B 128 9.48 18.90 5.97
CA THR B 128 9.63 18.48 4.58
C THR B 128 10.60 17.32 4.38
N ALA B 129 11.01 16.69 5.47
CA ALA B 129 11.94 15.57 5.42
C ALA B 129 11.45 14.43 4.52
N PHE B 130 12.34 13.92 3.68
CA PHE B 130 12.09 12.70 2.93
C PHE B 130 13.30 11.75 2.95
N THR B 131 13.08 10.49 2.56
CA THR B 131 14.12 9.46 2.62
C THR B 131 14.29 8.63 1.32
N ILE B 132 15.52 8.49 0.84
CA ILE B 132 15.75 7.68 -0.35
C ILE B 132 16.19 6.24 -0.02
N PRO B 133 15.41 5.25 -0.48
CA PRO B 133 15.71 3.83 -0.23
C PRO B 133 16.90 3.34 -1.01
N SER B 134 17.54 2.25 -0.59
CA SER B 134 18.55 1.65 -1.45
C SER B 134 18.04 0.30 -1.95
N ILE B 135 18.48 -0.05 -3.15
CA ILE B 135 18.15 -1.36 -3.66
C ILE B 135 18.63 -2.41 -2.68
N ASN B 136 17.74 -3.33 -2.33
CA ASN B 136 18.12 -4.48 -1.50
C ASN B 136 18.70 -4.03 -0.18
N ASN B 137 18.29 -2.84 0.25
CA ASN B 137 18.69 -2.29 1.52
C ASN B 137 20.19 -2.34 1.72
N GLU B 138 20.93 -2.09 0.66
CA GLU B 138 22.38 -2.09 0.76
C GLU B 138 22.80 -1.07 1.80
N THR B 139 22.09 0.06 1.86
CA THR B 139 22.37 1.05 2.91
C THR B 139 21.11 1.39 3.69
N PRO B 140 21.28 2.06 4.86
CA PRO B 140 20.13 2.76 5.45
C PRO B 140 19.60 3.79 4.47
N GLY B 141 18.40 4.29 4.67
CA GLY B 141 17.92 5.39 3.85
C GLY B 141 18.74 6.66 4.04
N ILE B 142 18.83 7.46 2.98
CA ILE B 142 19.48 8.78 3.04
C ILE B 142 18.42 9.88 3.17
N ARG B 143 18.43 10.60 4.29
CA ARG B 143 17.36 11.57 4.58
C ARG B 143 17.74 13.00 4.24
N TYR B 144 16.86 13.66 3.50
CA TYR B 144 17.04 15.05 3.13
C TYR B 144 15.92 15.91 3.71
N GLN B 145 16.05 17.24 3.54
CA GLN B 145 15.00 18.19 3.85
C GLN B 145 15.19 19.42 2.98
N TYR B 146 14.10 20.15 2.75
CA TYR B 146 14.10 21.27 1.82
C TYR B 146 14.58 22.59 2.41
N ASN B 147 15.21 23.41 1.59
CA ASN B 147 15.65 24.72 2.05
C ASN B 147 14.95 25.85 1.30
N VAL B 148 14.25 25.45 0.26
CA VAL B 148 13.50 26.35 -0.57
C VAL B 148 12.06 25.87 -0.63
N LEU B 149 11.20 26.56 -1.37
CA LEU B 149 9.80 26.14 -1.47
C LEU B 149 9.78 24.83 -2.19
N PRO B 150 9.20 23.81 -1.55
CA PRO B 150 9.15 22.49 -2.18
C PRO B 150 8.08 22.46 -3.27
N GLN B 151 8.33 21.79 -4.38
CA GLN B 151 7.27 21.48 -5.32
C GLN B 151 6.28 20.50 -4.67
N GLY B 152 4.99 20.67 -4.91
CA GLY B 152 4.02 19.75 -4.33
C GLY B 152 3.51 20.09 -2.95
N TRP B 153 4.11 21.08 -2.29
CA TRP B 153 3.56 21.64 -1.05
C TRP B 153 2.62 22.78 -1.41
N LYS B 154 1.48 22.87 -0.71
CA LYS B 154 0.49 23.88 -1.03
C LYS B 154 0.94 25.28 -0.60
N GLY B 155 1.97 25.33 0.25
CA GLY B 155 2.54 26.61 0.66
C GLY B 155 3.27 27.31 -0.48
N SER B 156 3.85 26.53 -1.37
CA SER B 156 4.67 27.12 -2.42
C SER B 156 3.93 27.96 -3.45
N PRO B 157 2.67 27.62 -3.79
CA PRO B 157 2.00 28.62 -4.62
C PRO B 157 1.71 29.88 -3.85
N ALA B 158 1.27 29.74 -2.59
CA ALA B 158 0.92 30.87 -1.76
C ALA B 158 2.07 31.88 -1.67
N ILE B 159 3.17 31.48 -1.03
CA ILE B 159 4.33 32.33 -0.80
C ILE B 159 4.80 33.03 -2.09
N PHE B 160 4.70 32.31 -3.20
CA PHE B 160 5.27 32.76 -4.46
C PHE B 160 4.23 33.49 -5.32
N GLN B 161 2.98 33.50 -4.86
CA GLN B 161 1.88 34.15 -5.59
C GLN B 161 2.25 35.58 -5.97
N SER B 162 2.73 36.34 -4.98
CA SER B 162 3.16 37.71 -5.18
C SER B 162 4.11 37.82 -6.37
N SER B 163 5.17 37.03 -6.36
CA SER B 163 6.13 37.03 -7.46
C SER B 163 5.49 36.56 -8.77
N MET B 164 4.64 35.53 -8.67
CA MET B 164 3.97 34.97 -9.84
C MET B 164 3.12 36.01 -10.57
N THR B 165 2.49 36.90 -9.81
CA THR B 165 1.73 38.01 -10.38
C THR B 165 2.61 38.98 -11.20
N LYS B 166 3.76 39.34 -10.65
CA LYS B 166 4.67 40.28 -11.30
C LYS B 166 5.18 39.73 -12.64
N ILE B 167 5.27 38.42 -12.75
CA ILE B 167 5.91 37.81 -13.89
C ILE B 167 4.97 37.70 -15.08
N LEU B 168 3.72 37.31 -14.82
CA LEU B 168 2.75 37.13 -15.89
C LEU B 168 2.06 38.45 -16.26
N GLU B 169 2.15 39.43 -15.35
CA GLU B 169 1.48 40.72 -15.54
C GLU B 169 1.62 41.31 -16.97
N PRO B 170 2.85 41.43 -17.52
CA PRO B 170 2.94 42.01 -18.86
C PRO B 170 2.42 41.09 -19.96
N PHE B 171 2.45 39.77 -19.71
CA PHE B 171 1.98 38.79 -20.70
C PHE B 171 0.45 38.80 -20.73
N ARG B 172 -0.15 38.99 -19.55
CA ARG B 172 -1.58 39.15 -19.45
C ARG B 172 -2.02 40.49 -20.03
N LYS B 173 -1.23 41.53 -19.83
CA LYS B 173 -1.53 42.84 -20.38
C LYS B 173 -1.56 42.79 -21.91
N GLN B 174 -0.52 42.18 -22.49
CA GLN B 174 -0.34 42.06 -23.93
C GLN B 174 -1.26 41.00 -24.56
N ASN B 175 -1.67 40.03 -23.76
CA ASN B 175 -2.66 39.07 -24.18
C ASN B 175 -3.79 39.03 -23.15
N PRO B 176 -4.70 40.01 -23.22
CA PRO B 176 -5.79 40.05 -22.22
C PRO B 176 -6.90 39.04 -22.50
N ASP B 177 -6.81 38.36 -23.66
CA ASP B 177 -7.77 37.31 -24.03
C ASP B 177 -7.33 35.93 -23.59
N ILE B 178 -6.04 35.78 -23.33
CA ILE B 178 -5.46 34.55 -22.78
C ILE B 178 -5.63 34.50 -21.24
N VAL B 179 -6.08 33.36 -20.72
CA VAL B 179 -6.25 33.21 -19.28
C VAL B 179 -5.24 32.23 -18.65
N ILE B 180 -4.50 32.73 -17.67
CA ILE B 180 -3.47 31.94 -17.02
C ILE B 180 -3.88 31.64 -15.57
N TYR B 181 -4.03 30.35 -15.28
CA TYR B 181 -4.33 29.88 -13.91
C TYR B 181 -3.24 28.98 -13.35
N GLN B 182 -2.96 29.18 -12.06
CA GLN B 182 -1.94 28.42 -11.36
C GLN B 182 -2.56 27.56 -10.26
N TYR B 183 -2.28 26.25 -10.29
CA TYR B 183 -2.59 25.34 -9.17
C TYR B 183 -1.35 24.53 -8.84
N MET B 184 -0.80 24.72 -7.65
CA MET B 184 0.43 24.01 -7.25
C MET B 184 1.53 24.26 -8.27
N ASP B 185 2.29 23.24 -8.63
CA ASP B 185 3.40 23.40 -9.56
C ASP B 185 2.91 23.64 -11.01
N ASP B 186 1.61 23.80 -11.18
CA ASP B 186 1.04 23.81 -12.52
C ASP B 186 0.57 25.20 -12.98
N LEU B 187 0.75 25.46 -14.27
CA LEU B 187 0.24 26.67 -14.89
C LEU B 187 -0.68 26.27 -16.02
N TYR B 188 -1.97 26.60 -15.87
CA TYR B 188 -2.96 26.31 -16.89
C TYR B 188 -3.16 27.52 -17.79
N VAL B 189 -2.88 27.35 -19.08
CA VAL B 189 -2.92 28.48 -20.02
C VAL B 189 -3.94 28.24 -21.13
N GLY B 190 -5.11 28.88 -21.01
CA GLY B 190 -6.18 28.71 -21.99
C GLY B 190 -6.37 29.83 -23.01
N SER B 191 -6.44 29.46 -24.29
CA SER B 191 -6.66 30.43 -25.36
C SER B 191 -7.77 30.01 -26.33
N ASP B 192 -8.38 31.00 -26.99
CA ASP B 192 -9.31 30.74 -28.08
C ASP B 192 -8.61 30.87 -29.42
N LEU B 193 -7.39 30.33 -29.50
CA LEU B 193 -6.66 30.37 -30.75
C LEU B 193 -6.79 29.04 -31.49
N GLU B 194 -6.83 29.10 -32.82
CA GLU B 194 -6.72 27.88 -33.60
C GLU B 194 -5.38 27.31 -33.18
N ILE B 195 -5.29 26.00 -33.12
CA ILE B 195 -4.07 25.35 -32.68
C ILE B 195 -2.89 25.72 -33.59
N GLY B 196 -1.77 26.11 -32.98
CA GLY B 196 -0.64 26.65 -33.73
C GLY B 196 -0.42 28.11 -33.38
N GLN B 197 -1.47 28.91 -33.53
CA GLN B 197 -1.63 30.21 -32.86
C GLN B 197 -1.38 30.11 -31.35
N HIS B 198 -2.14 29.18 -30.75
CA HIS B 198 -2.12 28.85 -29.32
C HIS B 198 -0.77 28.30 -28.92
N ARG B 199 -0.30 27.32 -29.69
CA ARG B 199 1.05 26.78 -29.56
C ARG B 199 2.15 27.84 -29.57
N THR B 200 2.13 28.71 -30.58
CA THR B 200 3.14 29.75 -30.69
C THR B 200 2.99 30.71 -29.50
N LYS B 201 1.76 30.88 -29.02
CA LYS B 201 1.53 31.65 -27.80
C LYS B 201 2.13 30.97 -26.56
N ILE B 202 1.95 29.66 -26.47
CA ILE B 202 2.50 28.91 -25.34
C ILE B 202 4.02 29.03 -25.29
N GLU B 203 4.68 28.90 -26.45
CA GLU B 203 6.13 28.99 -26.46
C GLU B 203 6.59 30.44 -26.32
N GLU B 204 5.71 31.37 -26.67
CA GLU B 204 5.95 32.78 -26.38
C GLU B 204 6.03 32.99 -24.86
N LEU B 205 5.12 32.36 -24.13
CA LEU B 205 5.07 32.46 -22.68
C LEU B 205 6.21 31.73 -21.95
N ARG B 206 6.58 30.55 -22.44
CA ARG B 206 7.62 29.78 -21.74
C ARG B 206 8.96 30.45 -21.96
N GLN B 207 9.20 30.92 -23.18
CA GLN B 207 10.41 31.68 -23.49
C GLN B 207 10.42 32.96 -22.67
N HIS B 208 9.24 33.55 -22.50
CA HIS B 208 9.08 34.72 -21.63
C HIS B 208 9.36 34.37 -20.16
N LEU B 209 9.22 33.10 -19.80
CA LEU B 209 9.42 32.73 -18.40
C LEU B 209 10.84 32.25 -18.10
N LEU B 210 11.61 31.88 -19.13
CA LEU B 210 13.04 31.57 -18.93
C LEU B 210 13.85 32.85 -18.68
N ARG B 211 13.26 33.99 -19.01
CA ARG B 211 13.94 35.28 -18.90
C ARG B 211 13.58 35.99 -17.60
N TYR B 232 0.23 19.21 -22.57
CA TYR B 232 0.05 19.23 -24.01
C TYR B 232 -0.82 18.07 -24.49
N GLU B 233 -2.13 18.26 -24.69
CA GLU B 233 -2.83 19.55 -24.66
C GLU B 233 -4.30 19.34 -24.25
N LEU B 234 -4.95 20.38 -23.73
CA LEU B 234 -6.32 20.25 -23.21
C LEU B 234 -7.36 20.98 -24.05
N HIS B 235 -8.61 20.55 -23.97
CA HIS B 235 -9.74 21.22 -24.65
C HIS B 235 -11.02 21.16 -23.82
N PRO B 236 -11.12 22.01 -22.79
CA PRO B 236 -12.21 21.98 -21.80
C PRO B 236 -13.65 22.00 -22.33
N ASP B 237 -13.88 22.43 -23.56
CA ASP B 237 -15.27 22.54 -24.00
C ASP B 237 -15.78 21.25 -24.63
N LYS B 238 -14.85 20.43 -25.12
CA LYS B 238 -15.23 19.15 -25.69
C LYS B 238 -15.37 18.08 -24.60
N TRP B 239 -15.42 18.51 -23.34
CA TRP B 239 -15.69 17.62 -22.20
C TRP B 239 -17.16 17.27 -22.17
N THR B 240 -17.44 16.04 -21.75
CA THR B 240 -18.76 15.43 -21.86
C THR B 240 -19.36 15.17 -20.48
N VAL B 241 -20.66 15.38 -20.35
CA VAL B 241 -21.40 14.93 -19.17
C VAL B 241 -22.22 13.70 -19.58
N GLN B 242 -22.16 12.65 -18.76
CA GLN B 242 -22.83 11.38 -19.07
C GLN B 242 -24.18 11.31 -18.36
N PRO B 243 -25.28 11.41 -19.14
CA PRO B 243 -26.61 11.34 -18.52
C PRO B 243 -26.95 9.91 -18.08
N ILE B 244 -27.86 9.78 -17.12
CA ILE B 244 -28.45 8.47 -16.88
C ILE B 244 -29.42 8.20 -18.02
N VAL B 245 -29.37 7.01 -18.59
CA VAL B 245 -30.16 6.73 -19.76
C VAL B 245 -30.83 5.37 -19.60
N LEU B 246 -32.07 5.26 -20.09
CA LEU B 246 -32.91 4.08 -19.87
C LEU B 246 -32.96 3.15 -21.09
N PRO B 247 -33.14 1.84 -20.83
CA PRO B 247 -33.17 0.91 -21.95
C PRO B 247 -34.32 1.20 -22.89
N GLU B 248 -34.09 1.03 -24.19
CA GLU B 248 -35.13 1.09 -25.20
C GLU B 248 -35.22 -0.28 -25.86
N LYS B 249 -36.27 -1.03 -25.57
CA LYS B 249 -36.44 -2.33 -26.22
C LYS B 249 -37.93 -2.54 -26.50
N ASP B 250 -38.23 -3.41 -27.47
CA ASP B 250 -39.61 -3.50 -27.91
C ASP B 250 -40.41 -4.59 -27.19
N SER B 251 -39.76 -5.64 -26.70
CA SER B 251 -40.45 -6.52 -25.75
C SER B 251 -39.69 -6.59 -24.42
N TRP B 252 -40.43 -6.45 -23.34
CA TRP B 252 -39.84 -6.39 -22.01
C TRP B 252 -40.14 -7.66 -21.24
N THR B 253 -39.15 -8.23 -20.57
CA THR B 253 -39.39 -9.37 -19.68
C THR B 253 -39.55 -8.90 -18.26
N VAL B 254 -40.02 -9.79 -17.40
CA VAL B 254 -40.12 -9.47 -16.00
C VAL B 254 -38.74 -9.07 -15.50
N ASN B 255 -37.73 -9.76 -15.99
CA ASN B 255 -36.38 -9.43 -15.56
C ASN B 255 -35.99 -8.03 -15.99
N ASP B 256 -36.26 -7.72 -17.27
CA ASP B 256 -36.04 -6.39 -17.82
C ASP B 256 -36.69 -5.31 -16.95
N ILE B 257 -37.98 -5.48 -16.67
CA ILE B 257 -38.71 -4.50 -15.88
C ILE B 257 -38.20 -4.41 -14.44
N GLN B 258 -37.86 -5.54 -13.82
CA GLN B 258 -37.33 -5.54 -12.45
C GLN B 258 -35.99 -4.79 -12.32
N LYS B 259 -35.14 -4.96 -13.32
CA LYS B 259 -33.88 -4.24 -13.37
C LYS B 259 -34.16 -2.75 -13.55
N LEU B 260 -35.03 -2.44 -14.51
CA LEU B 260 -35.53 -1.09 -14.75
C LEU B 260 -36.14 -0.41 -13.52
N VAL B 261 -37.06 -1.08 -12.83
CA VAL B 261 -37.65 -0.50 -11.64
C VAL B 261 -36.56 -0.28 -10.58
N GLY B 262 -35.58 -1.17 -10.55
CA GLY B 262 -34.47 -1.02 -9.60
C GLY B 262 -33.59 0.16 -9.95
N LYS B 263 -33.24 0.29 -11.22
CA LYS B 263 -32.47 1.43 -11.69
C LYS B 263 -33.17 2.76 -11.38
N LEU B 264 -34.48 2.87 -11.65
CA LEU B 264 -35.22 4.11 -11.38
C LEU B 264 -35.42 4.41 -9.89
N ASN B 265 -35.66 3.38 -9.10
CA ASN B 265 -35.87 3.60 -7.68
C ASN B 265 -34.68 4.30 -7.03
N TRP B 266 -33.50 4.03 -7.56
CA TRP B 266 -32.28 4.64 -7.05
C TRP B 266 -32.08 6.03 -7.67
N ALA B 267 -32.46 6.18 -8.92
CA ALA B 267 -32.33 7.48 -9.58
C ALA B 267 -33.35 8.44 -8.99
N SER B 268 -34.42 7.91 -8.40
CA SER B 268 -35.36 8.72 -7.62
C SER B 268 -34.65 9.62 -6.61
N GLN B 269 -33.57 9.11 -6.04
CA GLN B 269 -32.79 9.84 -5.05
C GLN B 269 -32.04 11.01 -5.68
N ILE B 270 -31.42 10.79 -6.83
CA ILE B 270 -30.74 11.87 -7.51
C ILE B 270 -31.74 12.87 -8.08
N TYR B 271 -32.61 12.42 -8.99
CA TYR B 271 -33.69 13.26 -9.51
C TYR B 271 -35.05 12.91 -8.87
N PRO B 272 -35.48 13.69 -7.86
CA PRO B 272 -36.91 13.62 -7.53
C PRO B 272 -37.68 13.92 -8.80
N GLY B 273 -38.74 13.17 -9.06
CA GLY B 273 -39.40 13.36 -10.34
C GLY B 273 -39.48 12.10 -11.17
N ILE B 274 -38.86 11.02 -10.69
CA ILE B 274 -38.88 9.74 -11.41
C ILE B 274 -39.80 8.78 -10.71
N LYS B 275 -40.66 8.09 -11.48
CA LYS B 275 -41.76 7.32 -10.90
C LYS B 275 -41.75 5.87 -11.33
N VAL B 276 -42.10 4.97 -10.42
CA VAL B 276 -42.06 3.53 -10.73
C VAL B 276 -43.39 2.82 -10.53
N ARG B 277 -44.34 3.48 -9.87
CA ARG B 277 -45.61 2.84 -9.51
C ARG B 277 -46.29 2.14 -10.66
N GLN B 278 -46.39 2.79 -11.81
CA GLN B 278 -47.04 2.15 -12.93
C GLN B 278 -46.24 0.94 -13.48
N LEU B 279 -44.92 1.05 -13.56
CA LEU B 279 -44.06 -0.07 -14.01
C LEU B 279 -44.04 -1.19 -12.97
N SER B 280 -43.90 -0.80 -11.71
CA SER B 280 -43.94 -1.73 -10.60
C SER B 280 -45.28 -2.47 -10.52
N LYS B 281 -46.32 -1.90 -11.11
CA LYS B 281 -47.64 -2.52 -11.10
C LYS B 281 -47.70 -3.72 -12.07
N LEU B 282 -46.82 -3.75 -13.05
CA LEU B 282 -46.70 -4.88 -13.97
C LEU B 282 -46.05 -6.11 -13.31
N LEU B 283 -45.28 -5.84 -12.25
CA LEU B 283 -44.69 -6.91 -11.45
C LEU B 283 -45.65 -7.21 -10.33
N ARG B 284 -46.90 -7.47 -10.69
CA ARG B 284 -47.85 -7.95 -9.71
C ARG B 284 -47.97 -9.44 -9.89
N GLY B 285 -47.84 -10.18 -8.80
CA GLY B 285 -47.85 -11.62 -8.86
C GLY B 285 -46.44 -12.12 -8.68
N THR B 286 -46.21 -13.40 -8.92
CA THR B 286 -44.85 -13.94 -8.83
C THR B 286 -44.46 -14.55 -10.17
N LYS B 287 -44.00 -13.72 -11.10
CA LYS B 287 -43.85 -14.19 -12.45
C LYS B 287 -42.47 -14.81 -12.67
N ALA B 288 -42.34 -15.65 -13.68
CA ALA B 288 -41.05 -16.16 -14.06
C ALA B 288 -40.21 -15.05 -14.65
N LEU B 289 -38.94 -14.96 -14.27
CA LEU B 289 -38.02 -13.97 -14.80
C LEU B 289 -37.99 -13.84 -16.33
N THR B 290 -38.27 -14.88 -17.10
CA THR B 290 -38.16 -14.69 -18.55
C THR B 290 -39.47 -14.50 -19.23
N GLU B 291 -40.55 -14.42 -18.46
CA GLU B 291 -41.86 -14.08 -19.01
C GLU B 291 -41.85 -12.69 -19.70
N VAL B 292 -42.43 -12.57 -20.90
CA VAL B 292 -42.55 -11.27 -21.53
C VAL B 292 -43.79 -10.54 -21.04
N ILE B 293 -43.64 -9.24 -20.78
CA ILE B 293 -44.71 -8.43 -20.24
C ILE B 293 -45.06 -7.30 -21.18
N PRO B 294 -46.28 -7.36 -21.77
CA PRO B 294 -46.73 -6.23 -22.58
C PRO B 294 -46.77 -4.97 -21.70
N LEU B 295 -46.27 -3.85 -22.20
CA LEU B 295 -46.25 -2.62 -21.44
C LEU B 295 -47.59 -1.89 -21.54
N THR B 296 -48.31 -1.80 -20.42
CA THR B 296 -49.56 -1.02 -20.35
C THR B 296 -49.24 0.41 -20.78
N GLU B 297 -50.17 1.06 -21.48
CA GLU B 297 -49.89 2.36 -22.09
C GLU B 297 -49.62 3.46 -21.03
N GLU B 298 -50.19 3.32 -19.83
CA GLU B 298 -49.80 4.18 -18.73
C GLU B 298 -48.30 4.05 -18.48
N ALA B 299 -47.89 2.83 -18.11
CA ALA B 299 -46.50 2.48 -17.86
C ALA B 299 -45.61 2.80 -19.06
N GLU B 300 -46.14 2.64 -20.26
CA GLU B 300 -45.42 2.96 -21.49
C GLU B 300 -45.09 4.45 -21.55
N LEU B 301 -46.00 5.27 -21.04
CA LEU B 301 -45.82 6.71 -21.07
C LEU B 301 -45.01 7.20 -19.87
N GLU B 302 -45.29 6.60 -18.72
CA GLU B 302 -44.50 6.92 -17.52
C GLU B 302 -43.01 6.69 -17.76
N LEU B 303 -42.71 5.60 -18.46
CA LEU B 303 -41.35 5.31 -18.87
C LEU B 303 -40.83 6.40 -19.83
N ALA B 304 -41.73 6.99 -20.61
CA ALA B 304 -41.33 8.03 -21.54
C ALA B 304 -41.00 9.33 -20.79
N GLU B 305 -41.83 9.71 -19.83
CA GLU B 305 -41.59 10.97 -19.13
C GLU B 305 -40.28 10.88 -18.33
N ASN B 306 -40.11 9.78 -17.58
CA ASN B 306 -38.86 9.50 -16.87
C ASN B 306 -37.63 9.73 -17.74
N ARG B 307 -37.69 9.25 -18.97
CA ARG B 307 -36.58 9.39 -19.90
C ARG B 307 -36.15 10.85 -20.01
N GLU B 308 -37.13 11.75 -19.99
CA GLU B 308 -36.86 13.18 -20.15
C GLU B 308 -36.40 13.80 -18.81
N ILE B 309 -36.94 13.31 -17.71
CA ILE B 309 -36.56 13.76 -16.37
C ILE B 309 -35.10 13.44 -16.07
N LEU B 310 -34.51 12.60 -16.92
CA LEU B 310 -33.09 12.31 -16.82
C LEU B 310 -32.25 13.35 -17.57
N LYS B 311 -32.76 13.78 -18.71
CA LYS B 311 -32.08 14.76 -19.57
C LYS B 311 -32.17 16.19 -19.00
N GLU B 312 -33.32 16.51 -18.37
CA GLU B 312 -33.43 17.69 -17.53
C GLU B 312 -32.24 17.78 -16.56
N PRO B 313 -31.62 18.95 -16.44
CA PRO B 313 -30.45 19.09 -15.57
C PRO B 313 -30.80 19.02 -14.07
N VAL B 314 -29.97 18.33 -13.29
CA VAL B 314 -30.19 18.19 -11.85
C VAL B 314 -30.34 19.54 -11.15
N HIS B 315 -31.18 19.60 -10.12
CA HIS B 315 -31.51 20.89 -9.50
C HIS B 315 -30.93 21.07 -8.09
N GLY B 316 -30.42 22.26 -7.81
CA GLY B 316 -30.13 22.68 -6.44
C GLY B 316 -28.81 22.23 -5.86
N VAL B 317 -27.75 22.37 -6.64
CA VAL B 317 -26.43 21.85 -6.28
C VAL B 317 -25.34 22.93 -6.43
N TYR B 318 -24.95 23.49 -5.30
CA TYR B 318 -24.03 24.63 -5.27
C TYR B 318 -22.65 24.23 -4.78
N TYR B 319 -21.64 24.42 -5.62
CA TYR B 319 -20.27 24.12 -5.25
C TYR B 319 -19.84 24.87 -3.99
N ASP B 320 -19.59 24.13 -2.93
CA ASP B 320 -19.09 24.71 -1.67
C ASP B 320 -17.60 24.43 -1.49
N PRO B 321 -16.79 25.49 -1.42
CA PRO B 321 -15.34 25.32 -1.26
C PRO B 321 -14.93 24.93 0.17
N SER B 322 -15.83 25.02 1.14
CA SER B 322 -15.49 24.62 2.53
C SER B 322 -15.56 23.10 2.76
N LYS B 323 -16.03 22.38 1.75
CA LYS B 323 -16.11 20.91 1.77
C LYS B 323 -15.41 20.36 0.53
N ASP B 324 -14.78 19.19 0.66
CA ASP B 324 -13.96 18.70 -0.46
C ASP B 324 -14.80 18.00 -1.51
N LEU B 325 -14.31 17.98 -2.74
CA LEU B 325 -14.97 17.22 -3.79
C LEU B 325 -14.73 15.72 -3.60
N ILE B 326 -15.80 14.95 -3.51
CA ILE B 326 -15.70 13.50 -3.57
C ILE B 326 -15.82 13.02 -5.00
N ALA B 327 -15.01 12.04 -5.40
CA ALA B 327 -15.20 11.44 -6.72
C ALA B 327 -15.36 9.92 -6.61
N GLU B 328 -16.41 9.39 -7.21
CA GLU B 328 -16.55 7.95 -7.26
C GLU B 328 -16.22 7.52 -8.68
N ILE B 329 -15.54 6.38 -8.81
CA ILE B 329 -15.28 5.82 -10.14
C ILE B 329 -15.80 4.40 -10.15
N GLN B 330 -16.41 4.00 -11.26
CA GLN B 330 -16.96 2.65 -11.39
C GLN B 330 -16.44 1.99 -12.64
N LYS B 331 -16.01 0.74 -12.53
CA LYS B 331 -15.49 0.02 -13.70
C LYS B 331 -16.65 -0.56 -14.46
N GLN B 332 -16.84 -0.12 -15.71
CA GLN B 332 -17.98 -0.56 -16.48
C GLN B 332 -17.62 -1.71 -17.40
N GLY B 333 -16.33 -2.01 -17.45
CA GLY B 333 -15.79 -3.06 -18.28
C GLY B 333 -15.36 -2.56 -19.65
N GLN B 334 -14.71 -3.43 -20.42
CA GLN B 334 -14.22 -3.16 -21.77
C GLN B 334 -13.62 -1.76 -21.89
N GLY B 335 -12.80 -1.40 -20.91
CA GLY B 335 -12.13 -0.10 -20.90
C GLY B 335 -13.05 1.10 -20.78
N GLN B 336 -14.20 0.91 -20.12
CA GLN B 336 -15.14 2.01 -19.93
C GLN B 336 -15.29 2.33 -18.45
N TRP B 337 -15.07 3.58 -18.08
CA TRP B 337 -15.14 3.98 -16.68
C TRP B 337 -16.06 5.15 -16.53
N THR B 338 -16.96 5.05 -15.56
CA THR B 338 -17.83 6.16 -15.22
C THR B 338 -17.40 6.82 -13.92
N TYR B 339 -17.74 8.08 -13.76
CA TYR B 339 -17.37 8.81 -12.56
C TYR B 339 -18.39 9.88 -12.23
N GLN B 340 -18.44 10.24 -10.96
CA GLN B 340 -19.29 11.33 -10.55
C GLN B 340 -18.56 12.15 -9.51
N ILE B 341 -18.69 13.47 -9.61
CA ILE B 341 -18.08 14.37 -8.65
C ILE B 341 -19.22 15.00 -7.89
N TYR B 342 -19.19 14.89 -6.57
CA TYR B 342 -20.27 15.40 -5.75
C TYR B 342 -19.67 15.83 -4.44
N GLN B 343 -20.36 16.72 -3.71
CA GLN B 343 -19.88 17.12 -2.39
C GLN B 343 -20.76 16.51 -1.32
N GLU B 344 -22.04 16.38 -1.63
CA GLU B 344 -22.99 15.70 -0.78
C GLU B 344 -23.61 14.61 -1.64
N PRO B 345 -23.95 13.46 -1.03
CA PRO B 345 -24.57 12.34 -1.73
C PRO B 345 -25.78 12.73 -2.61
N PHE B 346 -25.75 12.26 -3.85
CA PHE B 346 -26.83 12.38 -4.84
C PHE B 346 -26.93 13.79 -5.41
N LYS B 347 -26.10 14.68 -4.87
CA LYS B 347 -26.01 16.04 -5.36
C LYS B 347 -24.74 16.19 -6.20
N ASN B 348 -24.77 15.64 -7.41
CA ASN B 348 -23.61 15.61 -8.28
C ASN B 348 -23.30 16.97 -8.88
N LEU B 349 -22.01 17.29 -9.02
CA LEU B 349 -21.58 18.50 -9.71
C LEU B 349 -21.27 18.17 -11.16
N LYS B 350 -20.80 16.96 -11.38
CA LYS B 350 -20.54 16.48 -12.73
C LYS B 350 -20.54 14.97 -12.68
N THR B 351 -20.89 14.37 -13.81
CA THR B 351 -20.94 12.93 -13.94
C THR B 351 -20.44 12.58 -15.31
N GLY B 352 -19.46 11.69 -15.40
CA GLY B 352 -18.82 11.51 -16.69
C GLY B 352 -18.55 10.09 -17.09
N LYS B 353 -17.82 9.96 -18.19
CA LYS B 353 -17.48 8.68 -18.75
C LYS B 353 -16.05 8.81 -19.25
N TYR B 354 -15.25 7.78 -19.02
CA TYR B 354 -13.87 7.78 -19.49
C TYR B 354 -13.58 6.48 -20.23
N ALA B 355 -13.31 6.57 -21.53
CA ALA B 355 -13.24 5.39 -22.41
C ALA B 355 -11.84 5.14 -22.97
N ARG B 356 -11.42 3.87 -22.96
CA ARG B 356 -10.09 3.46 -23.44
C ARG B 356 -10.15 2.21 -24.38
N MET B 357 -9.01 1.52 -24.52
CA MET B 357 -8.86 0.36 -25.43
C MET B 357 -10.12 -0.49 -25.57
N HIS B 361 -3.97 -6.34 -24.25
CA HIS B 361 -3.09 -6.19 -23.08
C HIS B 361 -3.61 -5.13 -22.09
N THR B 362 -4.93 -4.92 -22.08
CA THR B 362 -5.56 -3.91 -21.24
C THR B 362 -5.14 -3.97 -19.77
N ASN B 363 -4.76 -2.83 -19.21
CA ASN B 363 -4.35 -2.77 -17.82
C ASN B 363 -5.30 -1.89 -17.00
N ASP B 364 -6.10 -2.52 -16.14
CA ASP B 364 -7.05 -1.78 -15.30
C ASP B 364 -6.39 -0.74 -14.41
N VAL B 365 -5.29 -1.10 -13.78
CA VAL B 365 -4.62 -0.15 -12.92
C VAL B 365 -4.13 1.04 -13.72
N LYS B 366 -3.52 0.79 -14.87
CA LYS B 366 -3.09 1.89 -15.71
C LYS B 366 -4.29 2.73 -16.13
N GLN B 367 -5.39 2.10 -16.49
CA GLN B 367 -6.54 2.87 -16.96
C GLN B 367 -7.13 3.66 -15.83
N LEU B 368 -7.22 3.05 -14.66
CA LEU B 368 -7.82 3.72 -13.52
C LEU B 368 -6.99 4.92 -13.08
N THR B 369 -5.67 4.89 -13.24
CA THR B 369 -4.90 6.04 -12.76
C THR B 369 -4.95 7.13 -13.81
N GLU B 370 -4.96 6.74 -15.09
CA GLU B 370 -5.23 7.66 -16.19
C GLU B 370 -6.60 8.37 -16.03
N ALA B 371 -7.62 7.61 -15.62
CA ALA B 371 -8.92 8.20 -15.26
C ALA B 371 -8.82 9.17 -14.08
N VAL B 372 -8.12 8.77 -13.03
CA VAL B 372 -7.99 9.62 -11.84
C VAL B 372 -7.26 10.92 -12.18
N GLN B 373 -6.26 10.85 -13.05
CA GLN B 373 -5.57 12.07 -13.48
C GLN B 373 -6.46 12.91 -14.39
N LYS B 374 -7.26 12.25 -15.22
CA LYS B 374 -8.19 12.96 -16.08
C LYS B 374 -9.26 13.65 -15.25
N ILE B 375 -9.78 12.99 -14.23
CA ILE B 375 -10.85 13.56 -13.43
C ILE B 375 -10.31 14.68 -12.57
N THR B 376 -9.07 14.53 -12.12
CA THR B 376 -8.51 15.55 -11.24
C THR B 376 -8.31 16.81 -12.05
N THR B 377 -7.76 16.65 -13.24
CA THR B 377 -7.46 17.77 -14.09
C THR B 377 -8.72 18.56 -14.35
N GLU B 378 -9.78 17.87 -14.77
CA GLU B 378 -11.08 18.51 -15.00
C GLU B 378 -11.56 19.20 -13.75
N SER B 379 -11.26 18.63 -12.60
CA SER B 379 -11.73 19.21 -11.36
C SER B 379 -10.96 20.47 -11.02
N ILE B 380 -9.66 20.48 -11.31
CA ILE B 380 -8.81 21.64 -11.04
C ILE B 380 -9.26 22.80 -11.93
N VAL B 381 -9.43 22.51 -13.23
CA VAL B 381 -9.96 23.50 -14.17
C VAL B 381 -11.29 24.14 -13.73
N ILE B 382 -12.25 23.32 -13.36
CA ILE B 382 -13.61 23.78 -13.10
C ILE B 382 -13.75 24.45 -11.75
N TRP B 383 -13.17 23.88 -10.70
CA TRP B 383 -13.37 24.43 -9.35
C TRP B 383 -12.06 24.75 -8.61
N GLY B 384 -10.92 24.48 -9.25
CA GLY B 384 -9.62 24.83 -8.70
C GLY B 384 -9.40 24.19 -7.35
N LYS B 385 -9.92 22.98 -7.21
CA LYS B 385 -9.77 22.20 -5.99
C LYS B 385 -9.58 20.76 -6.47
N THR B 386 -8.82 19.98 -5.72
CA THR B 386 -8.58 18.61 -6.12
C THR B 386 -9.60 17.69 -5.41
N PRO B 387 -10.11 16.69 -6.13
CA PRO B 387 -11.14 15.85 -5.50
C PRO B 387 -10.55 14.69 -4.70
N LYS B 388 -11.36 14.12 -3.82
CA LYS B 388 -10.98 12.95 -3.04
C LYS B 388 -11.62 11.73 -3.68
N PHE B 389 -10.79 10.82 -4.17
CA PHE B 389 -11.30 9.69 -4.92
C PHE B 389 -11.69 8.51 -4.05
N LYS B 390 -12.87 7.96 -4.33
CA LYS B 390 -13.25 6.64 -3.83
C LYS B 390 -12.88 5.65 -4.93
N LEU B 391 -11.78 4.93 -4.72
CA LEU B 391 -11.20 4.07 -5.75
C LEU B 391 -11.71 2.63 -5.67
N PRO B 392 -12.23 2.10 -6.78
CA PRO B 392 -12.72 0.73 -6.88
C PRO B 392 -11.57 -0.25 -7.18
N ILE B 393 -10.68 -0.40 -6.20
CA ILE B 393 -9.53 -1.28 -6.35
C ILE B 393 -9.04 -1.68 -4.98
N GLN B 394 -8.37 -2.83 -4.92
CA GLN B 394 -7.77 -3.25 -3.66
C GLN B 394 -6.64 -2.29 -3.35
N LYS B 395 -6.59 -1.83 -2.11
CA LYS B 395 -5.51 -0.94 -1.68
C LYS B 395 -4.11 -1.39 -2.13
N GLU B 396 -3.79 -2.66 -1.91
CA GLU B 396 -2.44 -3.16 -2.21
C GLU B 396 -2.17 -3.15 -3.70
N THR B 397 -3.17 -3.58 -4.49
CA THR B 397 -2.99 -3.58 -5.94
C THR B 397 -2.70 -2.17 -6.44
N TRP B 398 -3.44 -1.19 -5.92
CA TRP B 398 -3.23 0.20 -6.30
C TRP B 398 -1.85 0.71 -5.86
N GLU B 399 -1.44 0.43 -4.63
CA GLU B 399 -0.16 0.94 -4.13
C GLU B 399 1.04 0.24 -4.79
N THR B 400 0.84 -1.00 -5.25
CA THR B 400 1.90 -1.72 -5.94
C THR B 400 2.26 -1.09 -7.29
N TRP B 401 1.29 -0.47 -7.98
CA TRP B 401 1.50 -0.03 -9.38
C TRP B 401 1.17 1.39 -9.80
N TRP B 402 0.49 2.19 -8.99
CA TRP B 402 -0.07 3.44 -9.52
C TRP B 402 1.01 4.43 -9.96
N THR B 403 2.17 4.41 -9.31
CA THR B 403 3.23 5.36 -9.63
C THR B 403 3.92 5.01 -10.94
N GLU B 404 3.70 3.79 -11.43
CA GLU B 404 4.25 3.43 -12.73
C GLU B 404 3.48 4.09 -13.87
N TYR B 405 2.31 4.65 -13.58
CA TYR B 405 1.52 5.34 -14.62
C TYR B 405 1.15 6.79 -14.27
N TRP B 406 1.73 7.32 -13.18
CA TRP B 406 1.48 8.72 -12.80
C TRP B 406 2.29 9.68 -13.64
N GLN B 407 1.67 10.80 -14.02
CA GLN B 407 2.26 11.76 -14.95
C GLN B 407 1.99 13.19 -14.49
N ALA B 408 1.22 13.33 -13.40
CA ALA B 408 0.85 14.64 -12.88
C ALA B 408 1.85 15.12 -11.82
N THR B 409 1.93 16.43 -11.58
CA THR B 409 2.83 16.91 -10.55
C THR B 409 2.15 16.94 -9.18
N TRP B 410 0.81 16.86 -9.18
CA TRP B 410 -0.01 16.77 -7.95
C TRP B 410 -0.51 15.34 -7.72
N ILE B 411 -0.92 15.06 -6.50
CA ILE B 411 -1.48 13.77 -6.15
C ILE B 411 -2.73 13.98 -5.32
N PRO B 412 -3.88 13.58 -5.87
CA PRO B 412 -5.14 13.72 -5.14
C PRO B 412 -5.17 12.77 -3.96
N GLU B 413 -5.96 13.09 -2.96
CA GLU B 413 -6.15 12.17 -1.87
C GLU B 413 -7.15 11.10 -2.32
N TRP B 414 -7.09 9.92 -1.72
CA TRP B 414 -7.97 8.82 -2.11
C TRP B 414 -8.22 7.81 -1.02
N GLU B 415 -9.30 7.05 -1.17
CA GLU B 415 -9.60 5.99 -0.25
C GLU B 415 -10.14 4.84 -1.10
N PHE B 416 -10.03 3.62 -0.58
CA PHE B 416 -10.44 2.45 -1.35
C PHE B 416 -11.77 1.91 -0.88
N VAL B 417 -12.58 1.49 -1.84
CA VAL B 417 -13.93 1.07 -1.54
C VAL B 417 -14.27 -0.23 -2.27
N ASN B 418 -15.11 -1.07 -1.66
CA ASN B 418 -15.65 -2.23 -2.37
C ASN B 418 -17.07 -1.91 -2.84
N THR B 419 -17.16 -1.36 -4.06
CA THR B 419 -18.43 -0.80 -4.57
C THR B 419 -19.51 -1.85 -4.79
N PRO B 420 -20.69 -1.59 -4.20
CA PRO B 420 -21.88 -2.41 -4.44
C PRO B 420 -22.14 -2.56 -5.94
N PRO B 421 -22.15 -3.82 -6.44
CA PRO B 421 -22.34 -4.12 -7.87
C PRO B 421 -23.69 -3.65 -8.40
N LEU B 422 -24.44 -2.92 -7.58
CA LEU B 422 -25.66 -2.23 -7.99
C LEU B 422 -25.31 -0.94 -8.70
N VAL B 423 -24.52 -0.11 -8.02
CA VAL B 423 -24.19 1.24 -8.49
C VAL B 423 -23.57 1.26 -9.89
N LYS B 424 -22.79 0.22 -10.20
CA LYS B 424 -22.13 0.19 -11.50
C LYS B 424 -23.10 -0.06 -12.64
N LEU B 425 -24.32 -0.50 -12.36
CA LEU B 425 -25.32 -0.70 -13.41
C LEU B 425 -26.16 0.57 -13.58
N TRP B 426 -26.30 1.33 -12.50
CA TRP B 426 -27.01 2.59 -12.53
C TRP B 426 -26.44 3.57 -13.58
N TYR B 427 -25.12 3.59 -13.71
CA TYR B 427 -24.46 4.55 -14.60
C TYR B 427 -24.09 3.96 -15.98
N GLN B 428 -24.31 2.66 -16.17
CA GLN B 428 -24.05 1.95 -17.44
C GLN B 428 -24.55 2.63 -18.71
N LEU B 429 -23.81 2.45 -19.81
CA LEU B 429 -24.21 3.00 -21.12
C LEU B 429 -24.79 1.95 -22.08
N1 DOC C 21 22.48 -7.09 15.16
C2 DOC C 21 21.57 -6.35 15.90
N3 DOC C 21 20.73 -6.98 16.75
C4 DOC C 21 20.79 -8.41 16.90
C5 DOC C 21 21.67 -9.11 16.19
C6 DOC C 21 22.54 -8.46 15.32
O2 DOC C 21 21.50 -5.13 15.82
N4 DOC C 21 19.93 -9.07 17.81
C1' DOC C 21 23.40 -6.48 14.25
C2' DOC C 21 24.85 -6.00 14.31
C3' DOC C 21 25.59 -7.17 13.76
C4' DOC C 21 24.72 -7.57 12.61
O4' DOC C 21 23.35 -7.12 12.90
C5' DOC C 21 24.98 -8.93 12.08
O5' DOC C 21 24.32 -9.88 12.81
P DOC C 21 24.34 -11.35 12.27
OP1 DOC C 21 25.78 -11.59 11.72
OP2 DOC C 21 24.02 -12.23 13.45
N1 DCP E . 23.41 -4.43 19.07
C2 DCP E . 22.42 -4.32 20.05
N3 DCP E . 21.95 -5.54 20.51
C4 DCP E . 22.34 -6.77 20.13
C5 DCP E . 23.38 -6.86 19.12
C6 DCP E . 23.86 -5.65 18.67
O2 DCP E . 21.99 -3.21 20.45
N4 DCP E . 21.78 -7.87 20.69
C1' DCP E . 24.04 -3.23 18.50
C2' DCP E . 25.10 -2.52 19.38
C3' DCP E . 26.38 -3.11 18.76
C4' DCP E . 25.99 -3.14 17.29
O4' DCP E . 24.60 -3.48 17.20
O3' DCP E . 27.61 -2.40 18.96
C5' DCP E . 26.83 -4.12 16.51
O5' DCP E . 26.89 -5.40 17.10
PA DCP E . 28.08 -6.48 17.25
O1A DCP E . 27.65 -7.92 17.53
O2A DCP E . 28.93 -6.25 16.10
O3A DCP E . 28.71 -5.75 18.54
PB DCP E . 29.75 -4.56 18.90
O1B DCP E . 29.44 -3.55 20.00
O2B DCP E . 30.06 -3.98 17.63
O3B DCP E . 30.92 -5.59 19.34
PG DCP E . 32.07 -6.57 18.76
O1G DCP E . 31.91 -7.91 19.37
O2G DCP E . 31.83 -6.60 17.35
O3G DCP E . 33.42 -6.07 19.01
S SO4 F . -40.78 -21.59 -15.84
O1 SO4 F . -40.86 -22.05 -14.44
O2 SO4 F . -42.10 -21.62 -16.48
O3 SO4 F . -39.86 -22.46 -16.59
O4 SO4 F . -40.27 -20.23 -15.85
S SO4 G . 9.16 -27.71 -8.59
O1 SO4 G . 10.05 -28.87 -8.41
O2 SO4 G . 8.78 -27.19 -7.28
O3 SO4 G . 7.94 -28.11 -9.31
O4 SO4 G . 9.86 -26.66 -9.36
MG MG H . 31.02 -5.31 15.71
S SO4 I . 5.73 -5.31 15.29
O1 SO4 I . 5.88 -5.39 16.76
O2 SO4 I . 4.37 -5.71 14.91
O3 SO4 I . 6.72 -6.20 14.67
O4 SO4 I . 5.88 -3.92 14.83
#